data_9IM6
#
_entry.id   9IM6
#
_cell.length_a   1.00
_cell.length_b   1.00
_cell.length_c   1.00
_cell.angle_alpha   90.00
_cell.angle_beta   90.00
_cell.angle_gamma   90.00
#
_symmetry.space_group_name_H-M   'P 1'
#
loop_
_entity.id
_entity.type
_entity.pdbx_description
1 polymer Importin-5
2 polymer 'RNA-directed RNA polymerase catalytic subunit'
#
loop_
_entity_poly.entity_id
_entity_poly.type
_entity_poly.pdbx_seq_one_letter_code
_entity_poly.pdbx_strand_id
1 'polypeptide(L)'
;MRGSHHHHHHGSENLYFQGGSMAAAAAEQQQFYLLLGNLLSPDNVVRKQAEETYENIPGQSKITFLLQAIRNTTAAEEAR
QMAAVLLRRLLSSAFDEVYPALPSDVQTAIKSELLMIIQMETQSSMRKKVCDIAAELARNLIDEDGNNQWPEGLKFLFDS
VSSQNVGLREAALHIFWNFPGIFGNQQQHYLDVIKRMLVQCMQDQEHPSIRTLSARATAAFILANEHNVALFKHFADLLP
GFLQAVNDSCYQNDDSVLKSLVEIADTVPKYLRPHLEATLQLSLKLCGDTSLNNMQRQLALEVIVTLSETAAAMLRKHTN
IVAQTIPQMLAMMVDLEEDEDWANADELEDDDFDSNAVAGESALDRMACGLGGKLVLPMIKEHIMQMLQNPDWKYRHAGL
MALSAIGEGCHQQMEGILNEIVNFVLLFLQDPHPRVRYAACNAVGQMATDFAPGFQKKFHEKVIAALLQTMEDQGNQRVQ
AHAAAALINFTEDCPKSLLIPYLDNLVKHLHSIMVLKLQELIQKGTKLVLEQVVTSIASVADTAEEKFVPYYDLFMPSLK
HIVENAVQKELRLLRGKTIECISLIGLAVGKEKFMQDASDVMQLLLKTQTDFNDMEDDDPQISYMISAWARMCKILGKEF
QQYLPVVMGPLMKTASIKPEVALLDTQDMENMSDDDGWEFVNLGDQQSFGIKTAGLEEKSTACQMLVCYAKELKEGFVEY
TEQVVKLMVPLLKFYFHDGVRVAAAESMPLLLECARVRGPEYLTQMWHFMCDALIKAIGTEPDSDVLSEIMHSFAKCIEV
MGDGCLNNEHFEELGGILKAKLEEHFKNQELRQVKRQDEDYDEQVEESLQDEDDNDVYILTKVSDILHSIFSSYKEKVLP
WFEQLLPLIVNLICPHRPWPDRQWGLCIFDDVIEHCSPASFKYAEYFLRPMLQYVCDNSPEVRQAAAYGLGVMAQYGGDN
YRPFCTEALPLLVRVIQSADSKTKENVNATENCISAVGKIMKFKPDCVNVEEVLPHWLSWLPLHEDKEEAVQTFNYLCDL
IESNHPIVLGPNNTNLPKIFSIIAEGEMHEAIKHEDPCAKRLANVVRQVQTSGGLWTECIAQLSPEQQAAIQELLNSA
;
A
2 'polypeptide(L)' HHHHHHGSENLYFQGGSTTHFQRKRRVRDNMTKKMITQRTIGKKKQRLNKRSY B
#
# COMPACT_ATOMS: atom_id res chain seq x y z
N ALA A 24 5.15 -16.42 -61.39
CA ALA A 24 5.67 -15.09 -61.66
C ALA A 24 5.94 -14.34 -60.36
N ALA A 25 7.14 -14.53 -59.82
CA ALA A 25 7.51 -13.88 -58.57
C ALA A 25 7.73 -12.38 -58.75
N ALA A 26 8.01 -11.92 -59.97
CA ALA A 26 8.26 -10.50 -60.18
C ALA A 26 7.03 -9.66 -59.88
N ALA A 27 5.85 -10.11 -60.33
CA ALA A 27 4.62 -9.38 -60.03
C ALA A 27 4.32 -9.38 -58.54
N GLU A 28 4.57 -10.50 -57.87
CA GLU A 28 4.37 -10.57 -56.43
C GLU A 28 5.29 -9.59 -55.70
N GLN A 29 6.54 -9.53 -56.11
CA GLN A 29 7.48 -8.59 -55.48
C GLN A 29 7.08 -7.15 -55.77
N GLN A 30 6.59 -6.86 -56.97
CA GLN A 30 6.13 -5.52 -57.29
C GLN A 30 4.94 -5.13 -56.41
N GLN A 31 3.99 -6.05 -56.21
CA GLN A 31 2.86 -5.77 -55.34
C GLN A 31 3.31 -5.58 -53.89
N PHE A 32 4.29 -6.38 -53.45
CA PHE A 32 4.81 -6.22 -52.10
C PHE A 32 5.46 -4.85 -51.91
N TYR A 33 6.27 -4.42 -52.88
CA TYR A 33 6.88 -3.10 -52.79
C TYR A 33 5.84 -2.00 -52.84
N LEU A 34 4.79 -2.18 -53.66
CA LEU A 34 3.73 -1.18 -53.73
C LEU A 34 3.00 -1.06 -52.39
N LEU A 35 2.69 -2.19 -51.75
CA LEU A 35 2.00 -2.12 -50.47
C LEU A 35 2.90 -1.55 -49.38
N LEU A 36 4.21 -1.85 -49.43
CA LEU A 36 5.13 -1.24 -48.48
C LEU A 36 5.20 0.27 -48.67
N GLY A 37 5.27 0.73 -49.92
CA GLY A 37 5.25 2.16 -50.18
C GLY A 37 3.96 2.80 -49.70
N ASN A 38 2.85 2.09 -49.86
CA ASN A 38 1.58 2.58 -49.31
C ASN A 38 1.65 2.68 -47.79
N LEU A 39 2.22 1.67 -47.13
CA LEU A 39 2.36 1.69 -45.68
C LEU A 39 3.27 2.82 -45.20
N LEU A 40 4.20 3.27 -46.04
CA LEU A 40 5.07 4.38 -45.64
C LEU A 40 4.29 5.65 -45.36
N SER A 41 3.32 5.99 -46.22
CA SER A 41 2.48 7.18 -46.05
C SER A 41 1.03 6.75 -46.15
N PRO A 42 0.54 5.99 -45.17
CA PRO A 42 -0.71 5.23 -45.37
C PRO A 42 -1.98 6.04 -45.51
N ASP A 43 -2.33 6.84 -44.50
CA ASP A 43 -3.69 7.29 -44.27
C ASP A 43 -4.63 6.10 -44.06
N ASN A 44 -5.87 6.38 -43.62
CA ASN A 44 -6.74 5.32 -43.12
C ASN A 44 -7.10 4.31 -44.21
N VAL A 45 -7.30 4.78 -45.44
CA VAL A 45 -7.79 3.91 -46.51
C VAL A 45 -6.82 2.77 -46.74
N VAL A 46 -5.58 3.08 -47.13
CA VAL A 46 -4.65 2.00 -47.41
C VAL A 46 -4.11 1.39 -46.13
N ARG A 47 -4.20 2.09 -44.98
CA ARG A 47 -4.02 1.42 -43.70
C ARG A 47 -4.89 0.17 -43.62
N LYS A 48 -6.21 0.36 -43.73
CA LYS A 48 -7.15 -0.74 -43.62
C LYS A 48 -6.93 -1.76 -44.72
N GLN A 49 -6.73 -1.30 -45.96
CA GLN A 49 -6.61 -2.25 -47.06
C GLN A 49 -5.35 -3.09 -46.94
N ALA A 50 -4.23 -2.49 -46.51
CA ALA A 50 -2.99 -3.24 -46.36
C ALA A 50 -3.07 -4.20 -45.19
N GLU A 51 -3.69 -3.78 -44.07
CA GLU A 51 -3.85 -4.71 -42.96
C GLU A 51 -4.72 -5.90 -43.37
N GLU A 52 -5.81 -5.64 -44.08
CA GLU A 52 -6.68 -6.72 -44.53
C GLU A 52 -5.95 -7.67 -45.48
N THR A 53 -5.18 -7.11 -46.41
CA THR A 53 -4.44 -7.95 -47.35
C THR A 53 -3.37 -8.77 -46.63
N TYR A 54 -2.67 -8.16 -45.68
CA TYR A 54 -1.52 -8.81 -45.06
C TYR A 54 -1.93 -9.86 -44.04
N GLU A 55 -3.07 -9.66 -43.35
CA GLU A 55 -3.41 -10.54 -42.25
C GLU A 55 -3.81 -11.95 -42.69
N ASN A 56 -4.00 -12.18 -43.98
CA ASN A 56 -4.41 -13.50 -44.48
C ASN A 56 -3.35 -14.18 -45.34
N ILE A 57 -2.15 -13.64 -45.40
CA ILE A 57 -1.09 -14.24 -46.23
C ILE A 57 -0.60 -15.53 -45.57
N PRO A 58 -0.35 -16.59 -46.33
CA PRO A 58 0.18 -17.82 -45.71
C PRO A 58 1.50 -17.59 -45.01
N GLY A 59 1.69 -18.32 -43.91
CA GLY A 59 2.86 -18.07 -43.06
C GLY A 59 4.17 -18.40 -43.75
N GLN A 60 4.26 -19.58 -44.39
CA GLN A 60 5.49 -19.97 -45.05
C GLN A 60 5.81 -19.04 -46.22
N SER A 61 4.79 -18.69 -47.01
CA SER A 61 4.99 -17.71 -48.07
C SER A 61 5.41 -16.36 -47.49
N LYS A 62 4.84 -15.99 -46.34
CA LYS A 62 5.25 -14.75 -45.68
C LYS A 62 6.73 -14.78 -45.32
N ILE A 63 7.19 -15.89 -44.74
CA ILE A 63 8.59 -15.99 -44.34
C ILE A 63 9.50 -15.90 -45.55
N THR A 64 9.18 -16.67 -46.60
CA THR A 64 10.02 -16.66 -47.79
C THR A 64 10.04 -15.28 -48.45
N PHE A 65 8.88 -14.62 -48.52
CA PHE A 65 8.80 -13.31 -49.14
C PHE A 65 9.57 -12.26 -48.33
N LEU A 66 9.45 -12.31 -47.00
CA LEU A 66 10.19 -11.37 -46.17
C LEU A 66 11.69 -11.57 -46.30
N LEU A 67 12.14 -12.83 -46.34
CA LEU A 67 13.57 -13.08 -46.51
C LEU A 67 14.05 -12.60 -47.88
N GLN A 68 13.25 -12.82 -48.93
CA GLN A 68 13.61 -12.32 -50.25
C GLN A 68 13.69 -10.80 -50.27
N ALA A 69 12.74 -10.13 -49.61
CA ALA A 69 12.74 -8.67 -49.57
C ALA A 69 13.96 -8.15 -48.81
N ILE A 70 14.31 -8.80 -47.70
CA ILE A 70 15.47 -8.36 -46.92
C ILE A 70 16.75 -8.58 -47.71
N ARG A 71 16.86 -9.70 -48.43
CA ARG A 71 18.05 -9.98 -49.21
C ARG A 71 18.25 -8.95 -50.32
N ASN A 72 17.17 -8.55 -50.98
CA ASN A 72 17.26 -7.68 -52.15
C ASN A 72 17.70 -6.29 -51.72
N THR A 73 18.96 -5.95 -51.99
CA THR A 73 19.50 -4.63 -51.68
C THR A 73 19.36 -3.68 -52.88
N THR A 74 18.14 -3.58 -53.41
CA THR A 74 17.85 -2.72 -54.54
C THR A 74 16.77 -1.69 -54.23
N ALA A 75 15.73 -2.09 -53.49
CA ALA A 75 14.66 -1.17 -53.14
C ALA A 75 15.16 -0.13 -52.13
N ALA A 76 14.28 0.80 -51.78
CA ALA A 76 14.63 1.83 -50.82
C ALA A 76 14.85 1.23 -49.44
N GLU A 77 15.64 1.94 -48.62
CA GLU A 77 15.93 1.47 -47.27
C GLU A 77 14.67 1.34 -46.43
N GLU A 78 13.68 2.21 -46.67
CA GLU A 78 12.45 2.16 -45.89
C GLU A 78 11.73 0.82 -46.05
N ALA A 79 11.66 0.31 -47.28
CA ALA A 79 11.02 -0.98 -47.52
C ALA A 79 11.76 -2.10 -46.80
N ARG A 80 13.09 -2.10 -46.89
CA ARG A 80 13.88 -3.15 -46.23
C ARG A 80 13.71 -3.11 -44.72
N GLN A 81 13.81 -1.92 -44.12
CA GLN A 81 13.63 -1.81 -42.67
C GLN A 81 12.23 -2.22 -42.26
N MET A 82 11.22 -1.80 -43.03
CA MET A 82 9.84 -2.12 -42.69
C MET A 82 9.62 -3.63 -42.76
N ALA A 83 10.18 -4.28 -43.79
CA ALA A 83 10.04 -5.72 -43.92
C ALA A 83 10.78 -6.47 -42.82
N ALA A 84 11.95 -5.96 -42.41
CA ALA A 84 12.67 -6.59 -41.31
C ALA A 84 11.88 -6.48 -40.01
N VAL A 85 11.27 -5.31 -39.77
CA VAL A 85 10.41 -5.16 -38.61
C VAL A 85 9.24 -6.13 -38.68
N LEU A 86 8.67 -6.31 -39.88
CA LEU A 86 7.59 -7.27 -40.04
C LEU A 86 8.04 -8.67 -39.70
N LEU A 87 9.22 -9.08 -40.17
CA LEU A 87 9.72 -10.42 -39.89
C LEU A 87 9.94 -10.63 -38.39
N ARG A 88 10.54 -9.65 -37.72
CA ARG A 88 10.77 -9.78 -36.30
C ARG A 88 9.46 -9.86 -35.53
N ARG A 89 8.49 -9.00 -35.89
CA ARG A 89 7.20 -9.02 -35.20
C ARG A 89 6.47 -10.33 -35.45
N LEU A 90 6.49 -10.82 -36.69
CA LEU A 90 5.84 -12.08 -37.02
C LEU A 90 6.43 -13.22 -36.22
N LEU A 91 7.76 -13.29 -36.15
CA LEU A 91 8.40 -14.34 -35.35
C LEU A 91 7.97 -14.23 -33.90
N SER A 92 8.20 -13.06 -33.28
CA SER A 92 7.95 -12.91 -31.85
C SER A 92 6.48 -13.10 -31.51
N SER A 93 5.58 -12.89 -32.47
CA SER A 93 4.16 -13.03 -32.19
C SER A 93 3.68 -14.46 -32.36
N ALA A 94 3.94 -15.05 -33.52
CA ALA A 94 3.36 -16.35 -33.87
C ALA A 94 4.40 -17.29 -34.44
N PHE A 95 5.55 -17.42 -33.77
CA PHE A 95 6.50 -18.44 -34.16
C PHE A 95 5.93 -19.84 -34.08
N ASP A 96 4.93 -20.06 -33.22
CA ASP A 96 4.41 -21.42 -33.01
C ASP A 96 3.64 -21.94 -34.20
N GLU A 97 3.30 -21.10 -35.18
CA GLU A 97 2.48 -21.51 -36.31
C GLU A 97 3.11 -21.26 -37.67
N VAL A 98 4.35 -20.76 -37.73
CA VAL A 98 4.98 -20.50 -39.01
C VAL A 98 6.36 -21.16 -39.06
N TYR A 99 6.57 -22.15 -38.21
CA TYR A 99 7.86 -22.84 -38.18
C TYR A 99 7.70 -24.35 -38.04
N PRO A 100 6.99 -24.87 -37.04
CA PRO A 100 6.87 -26.33 -36.93
C PRO A 100 5.91 -26.88 -37.98
N ALA A 101 6.00 -28.20 -38.17
CA ALA A 101 5.19 -28.91 -39.18
C ALA A 101 5.47 -28.38 -40.58
N LEU A 102 6.72 -27.99 -40.83
CA LEU A 102 7.19 -27.54 -42.12
C LEU A 102 8.42 -28.33 -42.51
N PRO A 103 8.73 -28.43 -43.80
CA PRO A 103 9.91 -29.19 -44.23
C PRO A 103 11.18 -28.64 -43.62
N SER A 104 12.08 -29.55 -43.24
CA SER A 104 13.34 -29.14 -42.62
C SER A 104 14.24 -28.39 -43.60
N ASP A 105 14.07 -28.65 -44.89
CA ASP A 105 14.85 -27.92 -45.90
C ASP A 105 14.56 -26.43 -45.83
N VAL A 106 13.29 -26.06 -45.67
CA VAL A 106 12.93 -24.64 -45.57
C VAL A 106 13.54 -24.03 -44.33
N GLN A 107 13.50 -24.73 -43.20
CA GLN A 107 14.08 -24.21 -41.96
C GLN A 107 15.58 -23.98 -42.11
N THR A 108 16.29 -24.97 -42.66
CA THR A 108 17.72 -24.81 -42.84
C THR A 108 18.02 -23.67 -43.81
N ALA A 109 17.24 -23.57 -44.88
CA ALA A 109 17.45 -22.50 -45.86
C ALA A 109 17.25 -21.13 -45.23
N ILE A 110 16.21 -20.96 -44.42
CA ILE A 110 15.95 -19.65 -43.84
C ILE A 110 17.00 -19.31 -42.79
N LYS A 111 17.45 -20.30 -42.02
CA LYS A 111 18.52 -20.03 -41.05
C LYS A 111 19.81 -19.62 -41.76
N SER A 112 20.18 -20.34 -42.81
CA SER A 112 21.37 -19.98 -43.57
C SER A 112 21.23 -18.61 -44.21
N GLU A 113 20.03 -18.30 -44.73
CA GLU A 113 19.80 -16.99 -45.32
C GLU A 113 19.95 -15.88 -44.29
N LEU A 114 19.43 -16.10 -43.08
CA LEU A 114 19.59 -15.08 -42.03
C LEU A 114 21.06 -14.86 -41.70
N LEU A 115 21.82 -15.96 -41.55
CA LEU A 115 23.24 -15.80 -41.25
C LEU A 115 23.97 -15.10 -42.39
N MET A 116 23.62 -15.42 -43.63
CA MET A 116 24.26 -14.77 -44.78
C MET A 116 23.95 -13.28 -44.84
N ILE A 117 22.69 -12.90 -44.58
CA ILE A 117 22.34 -11.50 -44.55
C ILE A 117 23.08 -10.78 -43.45
N ILE A 118 23.24 -11.42 -42.28
CA ILE A 118 24.02 -10.80 -41.21
C ILE A 118 25.46 -10.61 -41.64
N GLN A 119 26.04 -11.61 -42.31
CA GLN A 119 27.46 -11.56 -42.63
C GLN A 119 27.80 -10.46 -43.62
N MET A 120 27.02 -10.31 -44.68
CA MET A 120 27.35 -9.38 -45.76
C MET A 120 26.65 -8.03 -45.66
N GLU A 121 25.91 -7.77 -44.59
CA GLU A 121 25.26 -6.48 -44.46
C GLU A 121 26.27 -5.40 -44.10
N THR A 122 26.13 -4.23 -44.71
CA THR A 122 27.02 -3.10 -44.49
C THR A 122 26.40 -1.98 -43.68
N GLN A 123 25.15 -1.60 -43.98
CA GLN A 123 24.48 -0.54 -43.24
C GLN A 123 24.26 -0.97 -41.80
N SER A 124 24.51 -0.05 -40.87
CA SER A 124 24.45 -0.39 -39.45
C SER A 124 23.03 -0.68 -38.99
N SER A 125 22.06 0.15 -39.40
CA SER A 125 20.70 -0.03 -38.93
C SER A 125 20.10 -1.35 -39.42
N MET A 126 20.30 -1.68 -40.70
CA MET A 126 19.76 -2.92 -41.22
C MET A 126 20.46 -4.12 -40.59
N ARG A 127 21.77 -4.02 -40.35
CA ARG A 127 22.47 -5.09 -39.66
C ARG A 127 21.91 -5.31 -38.26
N LYS A 128 21.62 -4.22 -37.54
CA LYS A 128 21.03 -4.35 -36.22
C LYS A 128 19.64 -4.97 -36.28
N LYS A 129 18.84 -4.59 -37.29
CA LYS A 129 17.51 -5.19 -37.41
C LYS A 129 17.58 -6.69 -37.69
N VAL A 130 18.48 -7.10 -38.59
CA VAL A 130 18.61 -8.52 -38.86
C VAL A 130 19.19 -9.26 -37.65
N CYS A 131 20.04 -8.59 -36.87
CA CYS A 131 20.51 -9.17 -35.61
C CYS A 131 19.35 -9.40 -34.66
N ASP A 132 18.42 -8.43 -34.58
CA ASP A 132 17.24 -8.60 -33.77
C ASP A 132 16.42 -9.80 -34.23
N ILE A 133 16.26 -9.94 -35.55
CA ILE A 133 15.49 -11.06 -36.10
C ILE A 133 16.14 -12.39 -35.73
N ALA A 134 17.46 -12.48 -35.90
CA ALA A 134 18.17 -13.72 -35.60
C ALA A 134 18.13 -14.05 -34.12
N ALA A 135 18.25 -13.03 -33.26
CA ALA A 135 18.16 -13.26 -31.82
C ALA A 135 16.76 -13.74 -31.43
N GLU A 136 15.72 -13.17 -32.06
CA GLU A 136 14.37 -13.64 -31.77
C GLU A 136 14.18 -15.10 -32.22
N LEU A 137 14.72 -15.45 -33.37
CA LEU A 137 14.64 -16.85 -33.82
C LEU A 137 15.35 -17.78 -32.85
N ALA A 138 16.56 -17.41 -32.42
CA ALA A 138 17.29 -18.25 -31.48
C ALA A 138 16.58 -18.34 -30.15
N ARG A 139 15.91 -17.27 -29.74
CA ARG A 139 15.12 -17.29 -28.52
C ARG A 139 13.94 -18.26 -28.63
N ASN A 140 13.24 -18.22 -29.75
CA ASN A 140 12.07 -19.07 -29.95
C ASN A 140 12.45 -20.49 -30.35
N LEU A 141 13.72 -20.77 -30.58
CA LEU A 141 14.16 -22.11 -30.99
C LEU A 141 15.11 -22.70 -29.94
N ILE A 142 14.74 -22.58 -28.67
CA ILE A 142 15.46 -23.22 -27.57
C ILE A 142 14.77 -24.50 -27.11
N ASP A 143 13.53 -24.38 -26.62
CA ASP A 143 12.66 -25.51 -26.29
C ASP A 143 13.19 -26.35 -25.13
N GLU A 144 12.32 -27.21 -24.58
CA GLU A 144 12.65 -28.19 -23.55
C GLU A 144 13.22 -27.47 -22.33
N ASP A 145 14.13 -28.14 -21.61
CA ASP A 145 14.72 -27.60 -20.39
C ASP A 145 15.79 -26.56 -20.66
N GLY A 146 16.12 -26.31 -21.93
CA GLY A 146 17.14 -25.35 -22.30
C GLY A 146 18.35 -25.99 -22.93
N ASN A 147 18.38 -25.95 -24.26
CA ASN A 147 19.51 -26.46 -25.04
C ASN A 147 19.36 -25.94 -26.46
N ASN A 148 20.39 -25.29 -26.98
CA ASN A 148 20.27 -24.64 -28.28
C ASN A 148 20.13 -25.69 -29.39
N GLN A 149 19.11 -25.51 -30.22
CA GLN A 149 18.91 -26.34 -31.40
C GLN A 149 19.56 -25.74 -32.64
N TRP A 150 20.31 -24.65 -32.49
CA TRP A 150 20.93 -23.94 -33.59
C TRP A 150 22.41 -23.73 -33.29
N PRO A 151 23.20 -24.80 -33.26
CA PRO A 151 24.64 -24.63 -33.01
C PRO A 151 25.34 -23.78 -34.05
N GLU A 152 24.77 -23.69 -35.26
CA GLU A 152 25.36 -22.80 -36.27
C GLU A 152 25.34 -21.36 -35.80
N GLY A 153 24.28 -20.95 -35.10
CA GLY A 153 24.23 -19.59 -34.60
C GLY A 153 25.31 -19.28 -33.58
N LEU A 154 25.52 -20.20 -32.63
CA LEU A 154 26.56 -19.99 -31.63
C LEU A 154 27.95 -20.01 -32.27
N LYS A 155 28.17 -20.94 -33.20
CA LYS A 155 29.45 -20.97 -33.91
C LYS A 155 29.68 -19.68 -34.68
N PHE A 156 28.64 -19.17 -35.34
CA PHE A 156 28.77 -17.91 -36.08
C PHE A 156 29.08 -16.77 -35.13
N LEU A 157 28.42 -16.72 -33.97
CA LEU A 157 28.70 -15.66 -33.02
C LEU A 157 30.15 -15.70 -32.54
N PHE A 158 30.66 -16.92 -32.28
CA PHE A 158 32.04 -17.03 -31.82
C PHE A 158 33.04 -16.65 -32.90
N ASP A 159 32.84 -17.10 -34.14
CA ASP A 159 33.74 -16.65 -35.20
C ASP A 159 33.48 -15.21 -35.62
N SER A 160 32.39 -14.60 -35.15
CA SER A 160 32.09 -13.20 -35.43
C SER A 160 32.79 -12.25 -34.47
N VAL A 161 32.69 -12.52 -33.16
CA VAL A 161 33.27 -11.59 -32.20
C VAL A 161 34.79 -11.61 -32.28
N SER A 162 35.38 -12.75 -32.65
CA SER A 162 36.82 -12.85 -32.85
C SER A 162 37.14 -12.74 -34.34
N SER A 163 36.94 -11.55 -34.87
CA SER A 163 37.18 -11.28 -36.29
C SER A 163 37.91 -9.95 -36.42
N GLN A 164 38.04 -9.47 -37.66
CA GLN A 164 38.74 -8.24 -37.96
C GLN A 164 37.81 -7.10 -38.34
N ASN A 165 36.85 -7.35 -39.24
CA ASN A 165 35.90 -6.33 -39.62
C ASN A 165 34.98 -5.98 -38.45
N VAL A 166 34.74 -4.67 -38.28
CA VAL A 166 33.97 -4.20 -37.13
C VAL A 166 32.49 -4.50 -37.29
N GLY A 167 31.99 -4.64 -38.51
CA GLY A 167 30.58 -4.93 -38.70
C GLY A 167 30.19 -6.29 -38.13
N LEU A 168 31.04 -7.29 -38.35
CA LEU A 168 30.74 -8.63 -37.85
C LEU A 168 30.79 -8.65 -36.32
N ARG A 169 31.74 -7.93 -35.73
CA ARG A 169 31.82 -7.83 -34.28
C ARG A 169 30.60 -7.11 -33.70
N GLU A 170 30.16 -6.05 -34.36
CA GLU A 170 28.93 -5.36 -33.93
C GLU A 170 27.75 -6.29 -34.02
N ALA A 171 27.67 -7.09 -35.09
CA ALA A 171 26.56 -8.04 -35.22
C ALA A 171 26.58 -9.05 -34.09
N ALA A 172 27.76 -9.60 -33.77
CA ALA A 172 27.85 -10.57 -32.69
C ALA A 172 27.46 -9.96 -31.35
N LEU A 173 27.94 -8.74 -31.08
CA LEU A 173 27.63 -8.11 -29.80
C LEU A 173 26.16 -7.74 -29.69
N HIS A 174 25.53 -7.35 -30.80
CA HIS A 174 24.10 -7.04 -30.77
C HIS A 174 23.27 -8.30 -30.60
N ILE A 175 23.68 -9.41 -31.23
CA ILE A 175 23.00 -10.67 -31.00
C ILE A 175 23.11 -11.09 -29.55
N PHE A 176 24.30 -10.92 -28.96
CA PHE A 176 24.48 -11.28 -27.56
C PHE A 176 23.66 -10.38 -26.63
N TRP A 177 23.60 -9.08 -26.93
CA TRP A 177 22.82 -8.17 -26.09
C TRP A 177 21.33 -8.43 -26.20
N ASN A 178 20.84 -8.71 -27.41
CA ASN A 178 19.41 -8.87 -27.61
C ASN A 178 18.85 -10.04 -26.82
N PHE A 179 19.53 -11.19 -26.87
CA PHE A 179 19.15 -12.36 -26.10
C PHE A 179 20.39 -12.80 -25.32
N PRO A 180 20.58 -12.24 -24.14
CA PRO A 180 21.75 -12.60 -23.31
C PRO A 180 21.58 -13.95 -22.64
N GLY A 181 22.02 -15.02 -23.27
CA GLY A 181 21.55 -16.33 -22.87
C GLY A 181 21.33 -17.33 -23.98
N ILE A 182 21.92 -17.11 -25.16
CA ILE A 182 21.87 -18.16 -26.17
C ILE A 182 22.92 -19.20 -25.78
N PHE A 183 22.55 -20.06 -24.84
CA PHE A 183 23.45 -21.04 -24.24
C PHE A 183 22.59 -22.06 -23.51
N GLY A 184 23.11 -23.27 -23.38
CA GLY A 184 22.49 -24.28 -22.56
C GLY A 184 23.48 -24.81 -21.54
N ASN A 185 24.76 -24.55 -21.80
CA ASN A 185 25.86 -24.98 -20.94
C ASN A 185 26.88 -23.86 -20.81
N GLN A 186 26.40 -22.64 -20.57
CA GLN A 186 27.30 -21.49 -20.46
C GLN A 186 28.26 -21.65 -19.29
N GLN A 187 27.76 -22.13 -18.15
CA GLN A 187 28.60 -22.29 -16.97
C GLN A 187 29.65 -23.37 -17.21
N GLN A 188 29.27 -24.45 -17.89
CA GLN A 188 30.15 -25.61 -18.01
C GLN A 188 31.41 -25.28 -18.81
N HIS A 189 31.26 -24.63 -19.95
CA HIS A 189 32.45 -24.37 -20.76
C HIS A 189 32.58 -22.93 -21.22
N TYR A 190 31.47 -22.23 -21.43
CA TYR A 190 31.46 -21.01 -22.22
C TYR A 190 31.58 -19.73 -21.40
N LEU A 191 31.62 -19.82 -20.06
CA LEU A 191 31.70 -18.62 -19.24
C LEU A 191 33.02 -17.89 -19.47
N ASP A 192 34.13 -18.62 -19.52
CA ASP A 192 35.43 -17.99 -19.73
C ASP A 192 35.49 -17.33 -21.11
N VAL A 193 34.93 -17.98 -22.13
CA VAL A 193 34.93 -17.40 -23.46
C VAL A 193 34.13 -16.10 -23.48
N ILE A 194 32.98 -16.09 -22.81
CA ILE A 194 32.16 -14.88 -22.75
C ILE A 194 32.92 -13.75 -22.07
N LYS A 195 33.56 -14.06 -20.94
CA LYS A 195 34.30 -13.03 -20.22
C LYS A 195 35.46 -12.49 -21.05
N ARG A 196 36.20 -13.37 -21.72
CA ARG A 196 37.30 -12.91 -22.56
C ARG A 196 36.80 -12.07 -23.72
N MET A 197 35.69 -12.48 -24.33
CA MET A 197 35.12 -11.71 -25.45
C MET A 197 34.73 -10.32 -24.99
N LEU A 198 34.05 -10.22 -23.85
CA LEU A 198 33.60 -8.91 -23.38
C LEU A 198 34.78 -8.03 -22.98
N VAL A 199 35.78 -8.61 -22.31
CA VAL A 199 36.96 -7.84 -21.91
C VAL A 199 37.70 -7.34 -23.13
N GLN A 200 37.89 -8.20 -24.13
CA GLN A 200 38.57 -7.79 -25.36
C GLN A 200 37.80 -6.70 -26.08
N CYS A 201 36.47 -6.81 -26.12
CA CYS A 201 35.67 -5.81 -26.81
C CYS A 201 35.73 -4.46 -26.10
N MET A 202 35.70 -4.46 -24.77
CA MET A 202 35.87 -3.21 -24.03
C MET A 202 37.34 -2.86 -23.82
N GLN A 203 38.13 -2.95 -24.89
CA GLN A 203 39.53 -2.54 -24.83
C GLN A 203 40.01 -1.75 -26.03
N ASP A 204 39.34 -1.82 -27.18
CA ASP A 204 39.84 -1.14 -28.37
C ASP A 204 39.73 0.37 -28.24
N GLN A 205 40.56 1.08 -28.98
CA GLN A 205 40.59 2.54 -28.95
C GLN A 205 40.36 3.17 -30.30
N GLU A 206 40.15 2.37 -31.35
CA GLU A 206 39.91 2.89 -32.69
C GLU A 206 38.44 2.97 -33.04
N HIS A 207 37.61 2.10 -32.47
CA HIS A 207 36.17 2.08 -32.75
C HIS A 207 35.41 2.24 -31.44
N PRO A 208 35.05 3.46 -31.04
CA PRO A 208 34.28 3.62 -29.80
C PRO A 208 32.95 2.90 -29.80
N SER A 209 32.35 2.67 -30.97
CA SER A 209 31.04 2.03 -31.03
C SER A 209 31.08 0.60 -30.49
N ILE A 210 32.24 -0.06 -30.58
CA ILE A 210 32.37 -1.41 -30.04
C ILE A 210 32.34 -1.37 -28.51
N ARG A 211 32.99 -0.37 -27.92
CA ARG A 211 33.05 -0.29 -26.46
C ARG A 211 31.67 -0.08 -25.85
N THR A 212 30.87 0.80 -26.45
CA THR A 212 29.52 1.05 -25.93
C THR A 212 28.66 -0.20 -26.04
N LEU A 213 28.71 -0.88 -27.20
CA LEU A 213 27.92 -2.09 -27.40
C LEU A 213 28.35 -3.18 -26.44
N SER A 214 29.65 -3.30 -26.19
CA SER A 214 30.13 -4.33 -25.26
C SER A 214 29.73 -4.01 -23.83
N ALA A 215 29.75 -2.74 -23.44
CA ALA A 215 29.28 -2.37 -22.11
C ALA A 215 27.80 -2.68 -21.95
N ARG A 216 26.99 -2.37 -22.95
CA ARG A 216 25.57 -2.69 -22.87
C ARG A 216 25.35 -4.20 -22.84
N ALA A 217 26.14 -4.95 -23.60
CA ALA A 217 26.03 -6.41 -23.59
C ALA A 217 26.40 -6.98 -22.23
N THR A 218 27.45 -6.44 -21.60
CA THR A 218 27.83 -6.89 -20.26
C THR A 218 26.72 -6.59 -19.26
N ALA A 219 26.14 -5.40 -19.33
CA ALA A 219 25.05 -5.06 -18.42
C ALA A 219 23.86 -5.99 -18.61
N ALA A 220 23.49 -6.27 -19.87
CA ALA A 220 22.37 -7.15 -20.14
C ALA A 220 22.65 -8.57 -19.68
N PHE A 221 23.87 -9.06 -19.90
CA PHE A 221 24.24 -10.40 -19.48
C PHE A 221 24.19 -10.54 -17.97
N ILE A 222 24.68 -9.52 -17.25
CA ILE A 222 24.61 -9.56 -15.80
C ILE A 222 23.17 -9.50 -15.31
N LEU A 223 22.36 -8.65 -15.94
CA LEU A 223 20.96 -8.52 -15.53
C LEU A 223 20.19 -9.82 -15.75
N ALA A 224 20.42 -10.50 -16.88
CA ALA A 224 19.71 -11.73 -17.17
C ALA A 224 20.07 -12.82 -16.16
N ASN A 225 21.34 -12.93 -15.80
CA ASN A 225 21.80 -13.96 -14.87
C ASN A 225 21.75 -13.46 -13.43
N GLU A 226 20.55 -13.11 -13.01
CA GLU A 226 20.29 -12.67 -11.64
C GLU A 226 20.41 -13.83 -10.67
N HIS A 227 20.56 -13.51 -9.39
CA HIS A 227 20.62 -14.50 -8.31
C HIS A 227 21.75 -15.51 -8.50
N ASN A 228 22.90 -15.04 -9.00
CA ASN A 228 24.05 -15.89 -9.24
C ASN A 228 25.28 -15.21 -8.64
N VAL A 229 25.60 -15.57 -7.39
CA VAL A 229 26.70 -14.92 -6.68
C VAL A 229 28.03 -15.29 -7.33
N ALA A 230 28.18 -16.55 -7.77
CA ALA A 230 29.43 -16.96 -8.39
C ALA A 230 29.70 -16.19 -9.67
N LEU A 231 28.68 -16.00 -10.51
CA LEU A 231 28.85 -15.21 -11.72
C LEU A 231 29.16 -13.76 -11.38
N PHE A 232 28.49 -13.20 -10.38
CA PHE A 232 28.75 -11.82 -9.97
C PHE A 232 30.18 -11.62 -9.51
N LYS A 233 30.74 -12.57 -8.77
CA LYS A 233 32.13 -12.46 -8.33
C LYS A 233 33.13 -12.77 -9.44
N HIS A 234 32.75 -13.61 -10.40
CA HIS A 234 33.64 -13.94 -11.50
C HIS A 234 33.69 -12.81 -12.54
N PHE A 235 32.62 -12.04 -12.68
CA PHE A 235 32.55 -10.97 -13.66
C PHE A 235 32.84 -9.61 -13.05
N ALA A 236 33.50 -9.57 -11.89
CA ALA A 236 33.81 -8.29 -11.25
C ALA A 236 34.97 -7.57 -11.91
N ASP A 237 35.79 -8.27 -12.68
CA ASP A 237 36.93 -7.64 -13.35
C ASP A 237 36.50 -6.79 -14.53
N LEU A 238 35.25 -6.89 -14.97
CA LEU A 238 34.74 -6.11 -16.09
C LEU A 238 34.20 -4.75 -15.66
N LEU A 239 34.09 -4.49 -14.37
CA LEU A 239 33.52 -3.23 -13.91
C LEU A 239 34.34 -2.00 -14.30
N PRO A 240 35.67 -1.96 -14.16
CA PRO A 240 36.40 -0.76 -14.62
C PRO A 240 36.19 -0.46 -16.08
N GLY A 241 36.15 -1.49 -16.94
CA GLY A 241 35.87 -1.25 -18.35
C GLY A 241 34.49 -0.70 -18.58
N PHE A 242 33.50 -1.22 -17.86
CA PHE A 242 32.14 -0.72 -17.98
C PHE A 242 32.04 0.75 -17.56
N LEU A 243 32.71 1.11 -16.47
CA LEU A 243 32.68 2.49 -16.00
C LEU A 243 33.40 3.42 -16.97
N GLN A 244 34.54 2.99 -17.51
CA GLN A 244 35.22 3.79 -18.51
C GLN A 244 34.35 3.96 -19.75
N ALA A 245 33.65 2.90 -20.15
CA ALA A 245 32.79 2.98 -21.33
C ALA A 245 31.63 3.94 -21.12
N VAL A 246 31.00 3.91 -19.96
CA VAL A 246 29.89 4.84 -19.72
C VAL A 246 30.40 6.26 -19.60
N ASN A 247 31.57 6.45 -19.00
CA ASN A 247 32.18 7.78 -18.95
C ASN A 247 32.44 8.31 -20.35
N ASP A 248 33.00 7.48 -21.22
CA ASP A 248 33.29 7.91 -22.58
C ASP A 248 32.02 8.17 -23.39
N SER A 249 30.99 7.35 -23.18
CA SER A 249 29.77 7.50 -23.97
C SER A 249 28.96 8.72 -23.54
N CYS A 250 28.96 9.03 -22.25
CA CYS A 250 28.18 10.17 -21.77
C CYS A 250 28.71 11.50 -22.29
N TYR A 251 29.98 11.57 -22.69
CA TYR A 251 30.54 12.78 -23.25
C TYR A 251 30.30 12.91 -24.75
N GLN A 252 29.67 11.91 -25.38
CA GLN A 252 29.33 11.95 -26.79
C GLN A 252 27.82 12.05 -27.01
N ASN A 253 27.11 12.64 -26.05
CA ASN A 253 25.66 12.81 -26.13
C ASN A 253 24.94 11.48 -26.30
N ASP A 254 25.41 10.46 -25.59
CA ASP A 254 24.85 9.12 -25.69
C ASP A 254 24.75 8.55 -24.27
N ASP A 255 23.54 8.53 -23.72
CA ASP A 255 23.29 8.00 -22.39
C ASP A 255 22.73 6.59 -22.42
N SER A 256 23.11 5.79 -23.42
CA SER A 256 22.62 4.42 -23.50
C SER A 256 23.26 3.55 -22.41
N VAL A 257 24.53 3.79 -22.10
CA VAL A 257 25.21 2.97 -21.10
C VAL A 257 24.87 3.45 -19.70
N LEU A 258 24.59 4.74 -19.52
CA LEU A 258 24.17 5.24 -18.22
C LEU A 258 22.85 4.62 -17.79
N LYS A 259 21.93 4.41 -18.73
CA LYS A 259 20.69 3.72 -18.43
C LYS A 259 20.96 2.28 -18.00
N SER A 260 21.95 1.63 -18.63
CA SER A 260 22.33 0.28 -18.20
C SER A 260 22.89 0.30 -16.78
N LEU A 261 23.70 1.30 -16.45
CA LEU A 261 24.21 1.40 -15.08
C LEU A 261 23.09 1.63 -14.08
N VAL A 262 22.12 2.45 -14.44
CA VAL A 262 20.97 2.67 -13.56
C VAL A 262 20.19 1.38 -13.38
N GLU A 263 20.00 0.62 -14.45
CA GLU A 263 19.30 -0.66 -14.34
C GLU A 263 20.06 -1.64 -13.46
N ILE A 264 21.39 -1.68 -13.60
CA ILE A 264 22.19 -2.57 -12.77
C ILE A 264 22.08 -2.18 -11.30
N ALA A 265 22.15 -0.88 -11.01
CA ALA A 265 22.02 -0.43 -9.62
C ALA A 265 20.62 -0.69 -9.07
N ASP A 266 19.60 -0.63 -9.93
CA ASP A 266 18.24 -0.87 -9.48
C ASP A 266 18.00 -2.35 -9.19
N THR A 267 18.46 -3.23 -10.07
CA THR A 267 18.12 -4.65 -9.97
C THR A 267 19.15 -5.46 -9.19
N VAL A 268 20.42 -5.36 -9.56
CA VAL A 268 21.47 -6.18 -8.94
C VAL A 268 22.60 -5.29 -8.42
N PRO A 269 22.39 -4.55 -7.34
CA PRO A 269 23.45 -3.68 -6.82
C PRO A 269 24.67 -4.44 -6.32
N LYS A 270 24.51 -5.69 -5.89
CA LYS A 270 25.65 -6.44 -5.34
C LYS A 270 26.76 -6.60 -6.38
N TYR A 271 26.41 -6.62 -7.67
CA TYR A 271 27.41 -6.72 -8.71
C TYR A 271 28.42 -5.57 -8.63
N LEU A 272 27.97 -4.40 -8.20
CA LEU A 272 28.85 -3.25 -8.08
C LEU A 272 29.69 -3.26 -6.82
N ARG A 273 29.45 -4.21 -5.90
CA ARG A 273 30.11 -4.18 -4.60
C ARG A 273 31.63 -4.20 -4.70
N PRO A 274 32.26 -5.00 -5.58
CA PRO A 274 33.72 -4.91 -5.75
C PRO A 274 34.26 -3.50 -5.97
N HIS A 275 33.59 -2.70 -6.82
CA HIS A 275 34.12 -1.40 -7.22
C HIS A 275 33.15 -0.26 -6.93
N LEU A 276 32.29 -0.42 -5.94
CA LEU A 276 31.20 0.54 -5.72
C LEU A 276 31.72 1.95 -5.59
N GLU A 277 32.75 2.15 -4.78
CA GLU A 277 33.32 3.49 -4.60
C GLU A 277 33.63 4.13 -5.95
N ALA A 278 34.35 3.41 -6.81
CA ALA A 278 34.68 3.93 -8.12
C ALA A 278 33.42 4.39 -8.85
N THR A 279 32.42 3.50 -8.90
CA THR A 279 31.16 3.84 -9.55
C THR A 279 30.62 5.14 -9.00
N LEU A 280 30.53 5.24 -7.67
CA LEU A 280 29.99 6.45 -7.05
C LEU A 280 30.74 7.68 -7.55
N GLN A 281 32.07 7.63 -7.51
CA GLN A 281 32.86 8.78 -7.92
C GLN A 281 32.49 9.18 -9.34
N LEU A 282 32.40 8.20 -10.24
CA LEU A 282 32.04 8.51 -11.62
C LEU A 282 30.73 9.27 -11.67
N SER A 283 29.71 8.75 -10.98
CA SER A 283 28.41 9.42 -10.98
C SER A 283 28.55 10.87 -10.53
N LEU A 284 29.30 11.07 -9.44
CA LEU A 284 29.50 12.43 -8.94
C LEU A 284 30.07 13.32 -10.02
N LYS A 285 31.12 12.85 -10.71
CA LYS A 285 31.69 13.61 -11.80
C LYS A 285 30.62 13.89 -12.85
N LEU A 286 29.89 12.85 -13.27
CA LEU A 286 28.87 13.03 -14.28
C LEU A 286 27.72 13.89 -13.77
N CYS A 287 27.57 14.02 -12.46
CA CYS A 287 26.53 14.89 -11.92
C CYS A 287 27.03 16.31 -11.73
N GLY A 288 28.35 16.51 -11.70
CA GLY A 288 28.89 17.84 -11.46
C GLY A 288 29.33 18.54 -12.72
N ASP A 289 29.32 17.83 -13.84
CA ASP A 289 29.78 18.39 -15.11
C ASP A 289 28.65 19.17 -15.76
N THR A 290 28.85 20.48 -15.92
CA THR A 290 27.84 21.36 -16.50
C THR A 290 27.74 21.22 -18.02
N SER A 291 28.77 20.66 -18.67
CA SER A 291 28.74 20.51 -20.11
C SER A 291 27.59 19.61 -20.57
N LEU A 292 27.33 18.53 -19.83
CA LEU A 292 26.25 17.63 -20.17
C LEU A 292 24.89 18.32 -20.01
N ASN A 293 23.92 17.85 -20.77
CA ASN A 293 22.57 18.38 -20.67
C ASN A 293 21.92 17.90 -19.37
N ASN A 294 20.68 18.35 -19.14
CA ASN A 294 20.02 18.08 -17.86
C ASN A 294 19.73 16.59 -17.68
N MET A 295 19.36 15.90 -18.76
CA MET A 295 18.97 14.49 -18.63
C MET A 295 20.15 13.62 -18.18
N GLN A 296 21.34 13.87 -18.74
CA GLN A 296 22.50 13.06 -18.36
C GLN A 296 22.89 13.28 -16.90
N ARG A 297 22.88 14.54 -16.46
CA ARG A 297 23.19 14.83 -15.06
C ARG A 297 22.14 14.23 -14.13
N GLN A 298 20.86 14.29 -14.52
CA GLN A 298 19.82 13.71 -13.70
C GLN A 298 19.96 12.19 -13.61
N LEU A 299 20.34 11.54 -14.71
CA LEU A 299 20.58 10.10 -14.66
C LEU A 299 21.79 9.77 -13.78
N ALA A 300 22.84 10.59 -13.86
CA ALA A 300 24.00 10.36 -13.01
C ALA A 300 23.64 10.47 -11.53
N LEU A 301 22.81 11.46 -11.18
CA LEU A 301 22.31 11.56 -9.82
C LEU A 301 21.41 10.37 -9.48
N GLU A 302 20.62 9.92 -10.44
CA GLU A 302 19.69 8.81 -10.20
C GLU A 302 20.43 7.52 -9.93
N VAL A 303 21.66 7.37 -10.42
CA VAL A 303 22.46 6.21 -10.07
C VAL A 303 22.62 6.12 -8.55
N ILE A 304 23.05 7.22 -7.94
CA ILE A 304 23.28 7.23 -6.49
C ILE A 304 21.96 7.15 -5.74
N VAL A 305 20.92 7.83 -6.24
CA VAL A 305 19.63 7.80 -5.56
C VAL A 305 19.05 6.39 -5.56
N THR A 306 19.14 5.68 -6.70
CA THR A 306 18.66 4.32 -6.78
C THR A 306 19.50 3.39 -5.90
N LEU A 307 20.81 3.63 -5.83
CA LEU A 307 21.65 2.84 -4.94
C LEU A 307 21.21 3.02 -3.48
N SER A 308 20.89 4.26 -3.09
CA SER A 308 20.42 4.52 -1.74
C SER A 308 19.07 3.84 -1.48
N GLU A 309 18.17 3.89 -2.46
CA GLU A 309 16.85 3.28 -2.29
C GLU A 309 16.95 1.76 -2.18
N THR A 310 17.75 1.14 -3.04
CA THR A 310 17.77 -0.33 -3.13
C THR A 310 18.75 -0.95 -2.15
N ALA A 311 20.02 -0.59 -2.23
CA ALA A 311 21.05 -1.11 -1.34
C ALA A 311 21.55 0.04 -0.47
N ALA A 312 20.83 0.28 0.63
CA ALA A 312 21.21 1.35 1.54
C ALA A 312 22.34 0.92 2.45
N ALA A 313 22.38 -0.36 2.84
CA ALA A 313 23.42 -0.84 3.73
C ALA A 313 24.79 -0.79 3.04
N MET A 314 24.83 -1.05 1.74
CA MET A 314 26.09 -0.95 1.00
C MET A 314 26.55 0.50 0.89
N LEU A 315 25.60 1.42 0.66
CA LEU A 315 25.95 2.82 0.45
C LEU A 315 26.31 3.54 1.75
N ARG A 316 25.74 3.10 2.88
CA ARG A 316 25.97 3.80 4.14
C ARG A 316 27.42 3.77 4.58
N LYS A 317 28.22 2.83 4.08
CA LYS A 317 29.63 2.79 4.44
C LYS A 317 30.42 3.92 3.77
N HIS A 318 30.00 4.38 2.60
CA HIS A 318 30.67 5.47 1.90
C HIS A 318 29.95 6.77 2.22
N THR A 319 30.25 7.32 3.39
CA THR A 319 29.62 8.56 3.81
C THR A 319 30.17 9.77 3.06
N ASN A 320 31.42 9.69 2.59
CA ASN A 320 32.00 10.81 1.86
C ASN A 320 31.26 11.08 0.55
N ILE A 321 30.85 10.02 -0.14
CA ILE A 321 30.12 10.20 -1.39
C ILE A 321 28.78 10.89 -1.14
N VAL A 322 28.08 10.52 -0.07
CA VAL A 322 26.83 11.18 0.26
C VAL A 322 27.08 12.64 0.63
N ALA A 323 28.11 12.90 1.43
CA ALA A 323 28.43 14.26 1.84
C ALA A 323 28.85 15.13 0.67
N GLN A 324 29.35 14.54 -0.41
CA GLN A 324 29.65 15.30 -1.62
C GLN A 324 28.48 15.39 -2.58
N THR A 325 27.55 14.43 -2.53
CA THR A 325 26.41 14.45 -3.44
C THR A 325 25.29 15.34 -2.94
N ILE A 326 25.21 15.59 -1.63
CA ILE A 326 24.19 16.53 -1.12
C ILE A 326 24.40 17.94 -1.65
N PRO A 327 25.62 18.50 -1.67
CA PRO A 327 25.80 19.81 -2.30
C PRO A 327 25.40 19.87 -3.76
N GLN A 328 25.59 18.79 -4.52
CA GLN A 328 25.19 18.79 -5.92
C GLN A 328 23.67 18.94 -6.07
N MET A 329 22.92 18.17 -5.28
CA MET A 329 21.47 18.28 -5.31
C MET A 329 20.99 19.63 -4.80
N LEU A 330 21.66 20.17 -3.79
CA LEU A 330 21.29 21.51 -3.30
C LEU A 330 21.57 22.57 -4.34
N ALA A 331 22.65 22.41 -5.13
CA ALA A 331 22.94 23.34 -6.19
C ALA A 331 22.05 23.14 -7.41
N MET A 332 21.42 21.96 -7.53
CA MET A 332 20.42 21.77 -8.57
C MET A 332 19.18 22.61 -8.32
N MET A 333 18.77 22.76 -7.06
CA MET A 333 17.55 23.47 -6.71
C MET A 333 17.70 24.98 -6.75
N VAL A 334 18.91 25.49 -6.98
CA VAL A 334 19.14 26.92 -7.09
C VAL A 334 18.90 27.30 -8.54
N ASP A 335 18.66 26.30 -9.38
CA ASP A 335 18.45 26.49 -10.81
C ASP A 335 17.00 26.87 -11.08
N LEU A 336 16.63 28.05 -10.59
CA LEU A 336 15.30 28.60 -10.78
C LEU A 336 15.39 29.74 -11.79
N GLU A 337 14.51 29.72 -12.78
CA GLU A 337 14.45 30.77 -13.79
C GLU A 337 13.53 31.88 -13.32
N GLU A 338 14.03 33.12 -13.37
CA GLU A 338 13.25 34.28 -12.95
C GLU A 338 12.07 34.46 -13.91
N ASP A 339 10.87 34.15 -13.44
CA ASP A 339 9.67 34.21 -14.25
C ASP A 339 8.78 35.34 -13.76
N GLU A 340 8.45 36.28 -14.65
CA GLU A 340 7.56 37.37 -14.29
C GLU A 340 6.09 37.01 -14.45
N ASP A 341 5.79 35.91 -15.15
CA ASP A 341 4.41 35.44 -15.29
C ASP A 341 4.11 34.39 -14.22
N TRP A 342 4.33 34.80 -12.97
CA TRP A 342 4.14 33.95 -11.81
C TRP A 342 3.00 34.41 -10.92
N ALA A 343 3.03 35.66 -10.47
CA ALA A 343 2.00 36.16 -9.56
C ALA A 343 0.62 36.20 -10.21
N ASN A 344 0.55 36.25 -11.54
CA ASN A 344 -0.72 36.32 -12.24
C ASN A 344 -1.23 34.96 -12.70
N ALA A 345 -0.51 33.88 -12.40
CA ALA A 345 -0.96 32.56 -12.77
C ALA A 345 -2.21 32.17 -11.99
N ASP A 346 -3.24 31.71 -12.69
CA ASP A 346 -4.51 31.37 -12.07
C ASP A 346 -4.80 29.87 -12.11
N GLU A 347 -3.83 29.05 -12.51
CA GLU A 347 -4.01 27.62 -12.55
C GLU A 347 -2.81 26.94 -11.90
N LEU A 348 -3.06 25.76 -11.34
CA LEU A 348 -1.99 24.94 -10.75
C LEU A 348 -1.31 24.14 -11.86
N GLU A 349 -0.50 24.85 -12.64
CA GLU A 349 0.23 24.23 -13.74
C GLU A 349 1.19 23.18 -13.20
N ASP A 350 1.33 22.08 -13.94
CA ASP A 350 2.23 21.02 -13.54
C ASP A 350 3.65 21.54 -13.44
N ASP A 351 4.41 21.01 -12.47
CA ASP A 351 5.74 21.52 -12.19
C ASP A 351 6.66 21.36 -13.40
N ASP A 352 6.98 20.11 -13.75
CA ASP A 352 7.76 19.73 -14.92
C ASP A 352 8.23 18.29 -14.80
N PHE A 353 8.84 17.96 -13.66
CA PHE A 353 9.53 16.69 -13.43
C PHE A 353 10.71 16.51 -14.36
N ASP A 354 11.12 17.57 -15.06
CA ASP A 354 12.28 17.56 -15.92
C ASP A 354 13.28 18.64 -15.57
N SER A 355 12.83 19.78 -15.05
CA SER A 355 13.73 20.85 -14.66
C SER A 355 14.64 20.41 -13.52
N ASN A 356 15.77 21.11 -13.39
CA ASN A 356 16.78 20.70 -12.41
C ASN A 356 16.28 20.83 -10.99
N ALA A 357 15.48 21.87 -10.70
CA ALA A 357 15.04 22.10 -9.32
C ALA A 357 14.14 20.97 -8.83
N VAL A 358 13.15 20.58 -9.64
CA VAL A 358 12.22 19.54 -9.21
C VAL A 358 12.92 18.19 -9.09
N ALA A 359 13.79 17.87 -10.06
CA ALA A 359 14.53 16.61 -9.99
C ALA A 359 15.45 16.57 -8.78
N GLY A 360 16.12 17.69 -8.48
CA GLY A 360 16.97 17.73 -7.30
C GLY A 360 16.19 17.58 -6.01
N GLU A 361 15.03 18.25 -5.92
CA GLU A 361 14.20 18.14 -4.73
C GLU A 361 13.69 16.71 -4.54
N SER A 362 13.25 16.08 -5.63
CA SER A 362 12.77 14.70 -5.53
C SER A 362 13.91 13.75 -5.16
N ALA A 363 15.10 13.96 -5.72
CA ALA A 363 16.23 13.11 -5.36
C ALA A 363 16.62 13.29 -3.90
N LEU A 364 16.57 14.53 -3.40
CA LEU A 364 16.84 14.77 -1.98
C LEU A 364 15.82 14.05 -1.11
N ASP A 365 14.54 14.13 -1.48
CA ASP A 365 13.51 13.44 -0.71
C ASP A 365 13.75 11.93 -0.70
N ARG A 366 14.02 11.35 -1.86
CA ARG A 366 14.21 9.90 -1.94
C ARG A 366 15.45 9.45 -1.18
N MET A 367 16.55 10.21 -1.28
CA MET A 367 17.77 9.80 -0.57
C MET A 367 17.61 9.96 0.93
N ALA A 368 16.92 11.02 1.38
CA ALA A 368 16.67 11.16 2.81
C ALA A 368 15.79 10.04 3.32
N CYS A 369 14.77 9.65 2.56
CA CYS A 369 13.92 8.53 2.98
C CYS A 369 14.69 7.22 3.00
N GLY A 370 15.57 6.99 2.03
CA GLY A 370 16.29 5.73 1.94
C GLY A 370 17.42 5.58 2.93
N LEU A 371 18.36 6.52 2.94
CA LEU A 371 19.52 6.42 3.82
C LEU A 371 19.18 6.62 5.29
N GLY A 372 18.08 7.29 5.59
CA GLY A 372 17.73 7.58 6.97
C GLY A 372 18.24 8.94 7.41
N GLY A 373 17.57 9.48 8.43
CA GLY A 373 17.91 10.81 8.90
C GLY A 373 19.19 10.86 9.71
N LYS A 374 19.55 9.75 10.36
CA LYS A 374 20.71 9.73 11.24
C LYS A 374 21.99 10.07 10.49
N LEU A 375 22.04 9.80 9.19
CA LEU A 375 23.20 10.11 8.36
C LEU A 375 22.99 11.38 7.53
N VAL A 376 21.80 11.56 6.97
CA VAL A 376 21.57 12.70 6.08
C VAL A 376 21.53 14.02 6.86
N LEU A 377 20.85 14.03 8.00
CA LEU A 377 20.57 15.30 8.69
C LEU A 377 21.83 16.07 9.09
N PRO A 378 22.85 15.46 9.71
CA PRO A 378 24.01 16.26 10.15
C PRO A 378 24.71 17.00 9.03
N MET A 379 24.73 16.45 7.81
CA MET A 379 25.45 17.09 6.71
C MET A 379 24.58 18.03 5.90
N ILE A 380 23.25 17.93 6.00
CA ILE A 380 22.40 18.83 5.24
C ILE A 380 21.91 19.99 6.11
N LYS A 381 21.89 19.82 7.43
CA LYS A 381 21.38 20.88 8.30
C LYS A 381 22.21 22.15 8.20
N GLU A 382 23.54 22.00 8.23
CA GLU A 382 24.41 23.17 8.15
C GLU A 382 24.28 23.86 6.78
N HIS A 383 24.19 23.06 5.71
CA HIS A 383 24.01 23.64 4.39
C HIS A 383 22.71 24.42 4.30
N ILE A 384 21.63 23.87 4.86
CA ILE A 384 20.34 24.55 4.82
C ILE A 384 20.39 25.84 5.62
N MET A 385 20.98 25.79 6.81
CA MET A 385 21.05 26.98 7.65
C MET A 385 21.94 28.06 7.04
N GLN A 386 22.96 27.66 6.28
CA GLN A 386 23.80 28.65 5.61
C GLN A 386 23.12 29.22 4.37
N MET A 387 22.36 28.40 3.65
CA MET A 387 21.65 28.88 2.47
C MET A 387 20.47 29.77 2.83
N LEU A 388 19.86 29.56 3.99
CA LEU A 388 18.73 30.41 4.38
C LEU A 388 19.15 31.85 4.71
N GLN A 389 20.42 32.22 4.54
CA GLN A 389 20.88 33.58 4.81
C GLN A 389 21.43 34.28 3.58
N ASN A 390 21.57 33.58 2.46
CA ASN A 390 22.16 34.16 1.26
C ASN A 390 21.17 35.11 0.60
N PRO A 391 21.51 36.39 0.43
CA PRO A 391 20.58 37.34 -0.21
C PRO A 391 20.50 37.17 -1.72
N ASP A 392 19.83 36.09 -2.15
CA ASP A 392 19.66 35.81 -3.57
C ASP A 392 18.26 35.39 -3.95
N TRP A 393 17.37 35.12 -2.98
CA TRP A 393 15.98 34.70 -3.16
C TRP A 393 15.90 33.34 -3.82
N LYS A 394 17.02 32.81 -4.30
CA LYS A 394 17.09 31.47 -4.85
C LYS A 394 17.73 30.50 -3.87
N TYR A 395 18.71 30.95 -3.11
CA TYR A 395 19.29 30.11 -2.07
C TYR A 395 18.33 29.95 -0.90
N ARG A 396 17.60 31.02 -0.55
CA ARG A 396 16.58 30.89 0.48
C ARG A 396 15.46 29.96 0.04
N HIS A 397 15.03 30.09 -1.22
CA HIS A 397 14.03 29.19 -1.77
C HIS A 397 14.51 27.74 -1.74
N ALA A 398 15.76 27.52 -2.15
CA ALA A 398 16.31 26.17 -2.14
C ALA A 398 16.42 25.62 -0.73
N GLY A 399 16.79 26.45 0.23
CA GLY A 399 16.87 25.99 1.61
C GLY A 399 15.51 25.61 2.18
N LEU A 400 14.50 26.43 1.89
CA LEU A 400 13.16 26.11 2.37
C LEU A 400 12.62 24.85 1.70
N MET A 401 12.89 24.67 0.41
CA MET A 401 12.45 23.46 -0.27
C MET A 401 13.20 22.22 0.22
N ALA A 402 14.49 22.35 0.57
CA ALA A 402 15.22 21.23 1.14
C ALA A 402 14.68 20.87 2.52
N LEU A 403 14.33 21.88 3.32
CA LEU A 403 13.72 21.63 4.62
C LEU A 403 12.38 20.92 4.45
N SER A 404 11.61 21.30 3.44
CA SER A 404 10.36 20.60 3.15
C SER A 404 10.63 19.16 2.70
N ALA A 405 11.67 18.95 1.90
CA ALA A 405 11.89 17.63 1.30
C ALA A 405 12.44 16.62 2.30
N ILE A 406 13.34 17.03 3.19
CA ILE A 406 13.99 16.09 4.09
C ILE A 406 13.13 15.87 5.33
N GLY A 407 11.90 16.38 5.32
CA GLY A 407 11.05 16.26 6.50
C GLY A 407 10.70 14.83 6.84
N GLU A 408 10.28 14.05 5.83
CA GLU A 408 9.79 12.71 6.10
C GLU A 408 10.94 11.75 6.42
N GLY A 409 12.04 11.82 5.67
CA GLY A 409 13.12 10.88 5.87
C GLY A 409 13.81 11.05 7.21
N CYS A 410 14.09 12.28 7.59
CA CYS A 410 14.72 12.59 8.88
C CYS A 410 13.65 12.92 9.92
N HIS A 411 12.76 11.96 10.15
CA HIS A 411 11.62 12.20 11.02
C HIS A 411 12.02 12.14 12.50
N GLN A 412 12.61 11.02 12.92
CA GLN A 412 12.96 10.87 14.32
C GLN A 412 14.08 11.82 14.73
N GLN A 413 15.03 12.08 13.83
CA GLN A 413 16.16 12.93 14.18
C GLN A 413 15.77 14.40 14.27
N MET A 414 14.77 14.82 13.49
CA MET A 414 14.33 16.20 13.49
C MET A 414 13.22 16.47 14.51
N GLU A 415 12.72 15.43 15.19
CA GLU A 415 11.66 15.62 16.16
C GLU A 415 12.13 16.40 17.39
N GLY A 416 13.38 16.26 17.78
CA GLY A 416 13.94 16.98 18.92
C GLY A 416 14.54 18.32 18.59
N ILE A 417 14.53 18.73 17.32
CA ILE A 417 15.08 20.00 16.88
C ILE A 417 14.01 20.88 16.22
N LEU A 418 12.74 20.49 16.33
CA LEU A 418 11.68 21.15 15.57
C LEU A 418 11.49 22.61 15.99
N ASN A 419 11.83 22.95 17.23
CA ASN A 419 11.50 24.28 17.74
C ASN A 419 12.21 25.38 16.97
N GLU A 420 13.53 25.29 16.83
CA GLU A 420 14.26 26.34 16.15
C GLU A 420 13.99 26.33 14.65
N ILE A 421 13.78 25.16 14.07
CA ILE A 421 13.43 25.08 12.64
C ILE A 421 12.11 25.79 12.37
N VAL A 422 11.11 25.55 13.22
CA VAL A 422 9.82 26.21 13.06
C VAL A 422 9.95 27.70 13.26
N ASN A 423 10.70 28.12 14.29
CA ASN A 423 10.85 29.55 14.54
C ASN A 423 11.60 30.25 13.41
N PHE A 424 12.52 29.55 12.75
CA PHE A 424 13.23 30.14 11.63
C PHE A 424 12.36 30.17 10.37
N VAL A 425 11.55 29.13 10.16
CA VAL A 425 10.70 29.08 8.97
C VAL A 425 9.61 30.14 9.05
N LEU A 426 8.97 30.28 10.23
CA LEU A 426 7.89 31.26 10.36
C LEU A 426 8.38 32.69 10.19
N LEU A 427 9.67 32.94 10.32
CA LEU A 427 10.19 34.27 10.07
C LEU A 427 10.29 34.59 8.59
N PHE A 428 10.21 33.58 7.72
CA PHE A 428 10.31 33.79 6.29
C PHE A 428 8.97 34.04 5.61
N LEU A 429 7.86 33.91 6.33
CA LEU A 429 6.58 34.32 5.78
C LEU A 429 6.52 35.84 5.60
N GLN A 430 7.29 36.58 6.39
CA GLN A 430 7.44 38.02 6.24
C GLN A 430 8.75 38.28 5.50
N ASP A 431 8.71 38.10 4.19
CA ASP A 431 9.91 38.18 3.37
C ASP A 431 9.69 39.15 2.21
N PRO A 432 10.74 39.87 1.79
CA PRO A 432 10.58 40.81 0.66
C PRO A 432 10.22 40.14 -0.66
N HIS A 433 10.53 38.86 -0.85
CA HIS A 433 10.28 38.21 -2.13
C HIS A 433 9.08 37.28 -2.03
N PRO A 434 8.12 37.38 -2.95
CA PRO A 434 6.94 36.50 -2.88
C PRO A 434 7.27 35.02 -3.02
N ARG A 435 8.27 34.65 -3.82
CA ARG A 435 8.57 33.23 -4.01
C ARG A 435 9.16 32.61 -2.76
N VAL A 436 9.94 33.38 -1.99
CA VAL A 436 10.44 32.88 -0.72
C VAL A 436 9.31 32.65 0.27
N ARG A 437 8.31 33.53 0.28
CA ARG A 437 7.15 33.32 1.14
C ARG A 437 6.35 32.11 0.70
N TYR A 438 6.23 31.90 -0.62
CA TYR A 438 5.59 30.70 -1.14
C TYR A 438 6.33 29.44 -0.65
N ALA A 439 7.66 29.47 -0.71
CA ALA A 439 8.44 28.33 -0.24
C ALA A 439 8.28 28.12 1.26
N ALA A 440 8.19 29.21 2.03
CA ALA A 440 7.99 29.10 3.47
C ALA A 440 6.63 28.49 3.79
N CYS A 441 5.59 28.90 3.06
CA CYS A 441 4.29 28.28 3.24
C CYS A 441 4.32 26.81 2.88
N ASN A 442 5.04 26.44 1.82
CA ASN A 442 5.18 25.04 1.46
C ASN A 442 5.88 24.27 2.58
N ALA A 443 6.94 24.84 3.15
CA ALA A 443 7.66 24.18 4.23
C ALA A 443 6.77 23.99 5.45
N VAL A 444 5.99 25.01 5.81
CA VAL A 444 5.11 24.90 6.97
C VAL A 444 4.06 23.82 6.73
N GLY A 445 3.45 23.81 5.54
CA GLY A 445 2.44 22.80 5.25
C GLY A 445 3.00 21.40 5.24
N GLN A 446 4.16 21.20 4.62
CA GLN A 446 4.75 19.87 4.56
C GLN A 446 5.21 19.39 5.92
N MET A 447 5.73 20.30 6.76
CA MET A 447 6.11 19.91 8.11
C MET A 447 4.90 19.58 8.96
N ALA A 448 3.79 20.31 8.77
CA ALA A 448 2.55 19.95 9.47
C ALA A 448 2.05 18.58 9.03
N THR A 449 2.17 18.27 7.75
CA THR A 449 1.76 16.95 7.28
C THR A 449 2.65 15.85 7.84
N ASP A 450 3.97 16.04 7.79
CA ASP A 450 4.89 14.96 8.18
C ASP A 450 4.92 14.75 9.68
N PHE A 451 5.05 15.83 10.45
CA PHE A 451 5.21 15.74 11.91
C PHE A 451 3.86 15.79 12.61
N ALA A 452 2.95 14.93 12.17
CA ALA A 452 1.64 15.03 12.79
C ALA A 452 1.40 13.87 13.74
N PRO A 453 0.66 14.08 14.84
CA PRO A 453 0.03 15.33 15.28
C PRO A 453 0.85 16.08 16.30
N GLY A 454 2.15 15.80 16.41
CA GLY A 454 2.99 16.51 17.36
C GLY A 454 3.30 17.94 16.97
N PHE A 455 3.31 18.24 15.68
CA PHE A 455 3.59 19.61 15.23
C PHE A 455 2.49 20.56 15.68
N GLN A 456 1.23 20.13 15.58
CA GLN A 456 0.11 21.02 15.86
C GLN A 456 0.04 21.38 17.34
N LYS A 457 0.20 20.39 18.22
CA LYS A 457 0.00 20.62 19.66
C LYS A 457 1.00 21.63 20.22
N LYS A 458 2.25 21.58 19.77
CA LYS A 458 3.30 22.43 20.32
C LYS A 458 3.48 23.73 19.56
N PHE A 459 2.82 23.93 18.42
CA PHE A 459 3.06 25.11 17.60
C PHE A 459 1.79 25.75 17.04
N HIS A 460 0.61 25.37 17.51
CA HIS A 460 -0.61 25.90 16.91
C HIS A 460 -0.72 27.40 17.10
N GLU A 461 -0.36 27.90 18.29
CA GLU A 461 -0.56 29.31 18.62
C GLU A 461 0.18 30.22 17.64
N LYS A 462 1.40 29.85 17.27
CA LYS A 462 2.16 30.67 16.34
C LYS A 462 1.83 30.33 14.88
N VAL A 463 1.66 29.05 14.55
CA VAL A 463 1.46 28.66 13.16
C VAL A 463 0.14 29.20 12.62
N ILE A 464 -0.94 29.03 13.40
CA ILE A 464 -2.25 29.50 12.94
C ILE A 464 -2.25 31.01 12.76
N ALA A 465 -1.66 31.73 13.72
CA ALA A 465 -1.62 33.18 13.63
C ALA A 465 -0.82 33.64 12.42
N ALA A 466 0.35 33.04 12.20
CA ALA A 466 1.19 33.44 11.07
C ALA A 466 0.51 33.14 9.74
N LEU A 467 -0.09 31.95 9.61
CA LEU A 467 -0.76 31.60 8.36
C LEU A 467 -1.95 32.49 8.10
N LEU A 468 -2.75 32.80 9.14
CA LEU A 468 -3.89 33.69 8.95
C LEU A 468 -3.44 35.09 8.57
N GLN A 469 -2.36 35.58 9.19
CA GLN A 469 -1.85 36.90 8.84
C GLN A 469 -1.35 36.94 7.40
N THR A 470 -0.69 35.86 6.96
CA THR A 470 -0.23 35.79 5.58
C THR A 470 -1.39 35.73 4.60
N MET A 471 -2.48 35.04 4.97
CA MET A 471 -3.59 34.86 4.05
C MET A 471 -4.41 36.14 3.89
N GLU A 472 -4.68 36.84 4.98
CA GLU A 472 -5.63 37.95 4.95
C GLU A 472 -5.02 39.19 4.31
N ASP A 473 -3.75 39.47 4.60
CA ASP A 473 -3.09 40.68 4.11
C ASP A 473 -2.02 40.27 3.10
N GLN A 474 -2.37 40.29 1.82
CA GLN A 474 -1.42 39.95 0.78
C GLN A 474 -1.84 40.61 -0.52
N GLY A 475 -0.86 41.07 -1.28
CA GLY A 475 -1.10 41.60 -2.61
C GLY A 475 -0.82 40.58 -3.68
N ASN A 476 -0.14 39.50 -3.31
CA ASN A 476 0.17 38.42 -4.24
C ASN A 476 -0.83 37.29 -4.06
N GLN A 477 -1.44 36.87 -5.16
CA GLN A 477 -2.53 35.89 -5.12
C GLN A 477 -2.04 34.45 -5.21
N ARG A 478 -0.73 34.22 -5.27
CA ARG A 478 -0.19 32.87 -5.19
C ARG A 478 0.38 32.54 -3.82
N VAL A 479 0.72 33.55 -3.02
CA VAL A 479 1.07 33.32 -1.63
C VAL A 479 -0.17 33.04 -0.80
N GLN A 480 -1.28 33.71 -1.12
CA GLN A 480 -2.53 33.51 -0.38
C GLN A 480 -3.03 32.09 -0.52
N ALA A 481 -3.05 31.58 -1.76
CA ALA A 481 -3.55 30.22 -1.98
C ALA A 481 -2.68 29.19 -1.29
N HIS A 482 -1.35 29.39 -1.31
CA HIS A 482 -0.46 28.40 -0.70
C HIS A 482 -0.52 28.49 0.82
N ALA A 483 -0.73 29.68 1.37
CA ALA A 483 -0.97 29.81 2.81
C ALA A 483 -2.26 29.11 3.21
N ALA A 484 -3.30 29.23 2.38
CA ALA A 484 -4.55 28.52 2.65
C ALA A 484 -4.35 27.01 2.59
N ALA A 485 -3.54 26.53 1.65
CA ALA A 485 -3.24 25.10 1.58
C ALA A 485 -2.45 24.64 2.79
N ALA A 486 -1.52 25.48 3.27
CA ALA A 486 -0.79 25.15 4.50
C ALA A 486 -1.74 25.08 5.69
N LEU A 487 -2.71 25.99 5.74
CA LEU A 487 -3.72 25.93 6.80
C LEU A 487 -4.55 24.66 6.70
N ILE A 488 -4.88 24.23 5.49
CA ILE A 488 -5.59 22.97 5.30
C ILE A 488 -4.77 21.81 5.86
N ASN A 489 -3.49 21.76 5.50
CA ASN A 489 -2.62 20.68 5.97
C ASN A 489 -2.49 20.69 7.47
N PHE A 490 -2.43 21.89 8.07
CA PHE A 490 -2.32 21.99 9.52
C PHE A 490 -3.59 21.53 10.21
N THR A 491 -4.75 22.01 9.76
CA THR A 491 -6.00 21.75 10.46
C THR A 491 -6.53 20.35 10.20
N GLU A 492 -6.07 19.66 9.16
CA GLU A 492 -6.57 18.32 8.88
C GLU A 492 -6.25 17.36 10.02
N ASP A 493 -5.01 17.40 10.53
CA ASP A 493 -4.57 16.49 11.57
C ASP A 493 -4.69 17.08 12.97
N CYS A 494 -5.14 18.32 13.10
CA CYS A 494 -5.25 18.94 14.41
C CYS A 494 -6.40 18.31 15.19
N PRO A 495 -6.17 17.83 16.42
CA PRO A 495 -7.27 17.29 17.21
C PRO A 495 -8.32 18.34 17.52
N LYS A 496 -9.56 17.88 17.64
CA LYS A 496 -10.69 18.80 17.81
C LYS A 496 -10.62 19.58 19.12
N SER A 497 -9.96 19.02 20.13
CA SER A 497 -9.97 19.63 21.46
C SER A 497 -9.31 21.00 21.46
N LEU A 498 -8.20 21.14 20.74
CA LEU A 498 -7.42 22.38 20.78
C LEU A 498 -7.70 23.31 19.60
N LEU A 499 -8.73 23.02 18.81
CA LEU A 499 -9.12 23.92 17.72
C LEU A 499 -10.30 24.81 18.08
N ILE A 500 -11.12 24.41 19.05
CA ILE A 500 -12.31 25.15 19.46
C ILE A 500 -11.96 26.60 19.83
N PRO A 501 -10.88 26.87 20.57
CA PRO A 501 -10.54 28.28 20.83
C PRO A 501 -10.28 29.09 19.57
N TYR A 502 -9.80 28.46 18.50
CA TYR A 502 -9.49 29.16 17.26
C TYR A 502 -10.64 29.14 16.27
N LEU A 503 -11.79 28.56 16.62
CA LEU A 503 -12.89 28.45 15.66
C LEU A 503 -13.41 29.82 15.24
N ASP A 504 -13.58 30.73 16.21
CA ASP A 504 -14.07 32.07 15.89
C ASP A 504 -13.08 32.82 15.00
N ASN A 505 -11.80 32.81 15.39
CA ASN A 505 -10.77 33.51 14.64
C ASN A 505 -10.41 32.83 13.32
N LEU A 506 -10.91 31.62 13.08
CA LEU A 506 -10.79 31.00 11.77
C LEU A 506 -11.98 31.33 10.89
N VAL A 507 -13.20 31.22 11.44
CA VAL A 507 -14.40 31.53 10.68
C VAL A 507 -14.37 32.99 10.23
N LYS A 508 -14.01 33.90 11.13
CA LYS A 508 -13.51 35.18 10.69
C LYS A 508 -12.10 34.99 10.16
N HIS A 509 -11.77 35.71 9.09
CA HIS A 509 -10.59 35.57 8.24
C HIS A 509 -10.72 34.38 7.29
N LEU A 510 -11.76 33.54 7.41
CA LEU A 510 -12.09 32.63 6.33
C LEU A 510 -13.38 33.00 5.60
N HIS A 511 -14.26 33.76 6.24
CA HIS A 511 -15.50 34.19 5.59
C HIS A 511 -15.35 35.52 4.86
N SER A 512 -14.59 36.46 5.42
CA SER A 512 -14.36 37.73 4.73
C SER A 512 -13.58 37.50 3.44
N ILE A 513 -12.57 36.64 3.47
CA ILE A 513 -11.80 36.36 2.26
C ILE A 513 -12.67 35.63 1.24
N MET A 514 -13.58 34.75 1.70
CA MET A 514 -14.52 34.15 0.77
C MET A 514 -15.40 35.21 0.12
N VAL A 515 -15.90 36.17 0.90
CA VAL A 515 -16.75 37.21 0.34
C VAL A 515 -15.99 38.00 -0.72
N LEU A 516 -14.76 38.40 -0.40
CA LEU A 516 -13.97 39.18 -1.35
C LEU A 516 -13.68 38.38 -2.61
N LYS A 517 -13.28 37.12 -2.47
CA LYS A 517 -12.93 36.32 -3.64
C LYS A 517 -14.16 35.95 -4.47
N LEU A 518 -15.30 35.75 -3.82
CA LEU A 518 -16.53 35.51 -4.57
C LEU A 518 -16.97 36.76 -5.32
N GLN A 519 -16.74 37.94 -4.74
CA GLN A 519 -16.99 39.18 -5.47
C GLN A 519 -16.08 39.29 -6.68
N GLU A 520 -14.79 38.94 -6.52
CA GLU A 520 -13.87 39.01 -7.64
C GLU A 520 -14.18 37.96 -8.71
N LEU A 521 -14.74 36.82 -8.31
CA LEU A 521 -15.03 35.75 -9.26
C LEU A 521 -16.13 36.17 -10.25
N ILE A 522 -17.06 37.01 -9.80
CA ILE A 522 -18.14 37.46 -10.69
C ILE A 522 -17.58 38.37 -11.77
N GLN A 523 -16.75 39.34 -11.39
CA GLN A 523 -16.21 40.29 -12.36
C GLN A 523 -15.04 39.69 -13.13
N LYS A 524 -13.96 39.34 -12.43
CA LYS A 524 -12.78 38.76 -13.05
C LYS A 524 -12.97 37.25 -13.14
N GLY A 525 -11.90 36.54 -13.49
CA GLY A 525 -11.96 35.09 -13.58
C GLY A 525 -11.00 34.40 -12.64
N THR A 526 -10.84 34.95 -11.44
CA THR A 526 -9.91 34.42 -10.46
C THR A 526 -10.54 33.26 -9.69
N LYS A 527 -9.85 32.12 -9.64
CA LYS A 527 -10.33 30.96 -8.93
C LYS A 527 -9.27 30.26 -8.10
N LEU A 528 -8.01 30.71 -8.13
CA LEU A 528 -6.94 29.95 -7.48
C LEU A 528 -7.09 29.95 -5.97
N VAL A 529 -7.32 31.12 -5.38
CA VAL A 529 -7.37 31.21 -3.92
C VAL A 529 -8.77 30.86 -3.40
N LEU A 530 -9.81 31.04 -4.21
CA LEU A 530 -11.15 30.68 -3.77
C LEU A 530 -11.29 29.19 -3.52
N GLU A 531 -10.69 28.37 -4.38
CA GLU A 531 -10.73 26.92 -4.19
C GLU A 531 -10.05 26.52 -2.88
N GLN A 532 -8.89 27.12 -2.60
CA GLN A 532 -8.17 26.79 -1.37
C GLN A 532 -8.95 27.25 -0.15
N VAL A 533 -9.59 28.42 -0.22
CA VAL A 533 -10.40 28.90 0.90
C VAL A 533 -11.58 27.97 1.13
N VAL A 534 -12.24 27.53 0.06
CA VAL A 534 -13.37 26.61 0.19
C VAL A 534 -12.92 25.30 0.83
N THR A 535 -11.79 24.76 0.38
CA THR A 535 -11.30 23.52 0.96
C THR A 535 -10.90 23.72 2.42
N SER A 536 -10.36 24.89 2.76
CA SER A 536 -10.00 25.18 4.15
C SER A 536 -11.24 25.22 5.04
N ILE A 537 -12.31 25.84 4.57
CA ILE A 537 -13.55 25.87 5.34
C ILE A 537 -14.11 24.46 5.49
N ALA A 538 -14.04 23.66 4.43
CA ALA A 538 -14.50 22.28 4.52
C ALA A 538 -13.70 21.50 5.55
N SER A 539 -12.38 21.66 5.55
CA SER A 539 -11.55 20.95 6.51
C SER A 539 -11.83 21.40 7.94
N VAL A 540 -11.98 22.71 8.15
CA VAL A 540 -12.27 23.22 9.48
C VAL A 540 -13.59 22.68 9.99
N ALA A 541 -14.63 22.69 9.14
CA ALA A 541 -15.91 22.14 9.54
C ALA A 541 -15.82 20.65 9.83
N ASP A 542 -15.09 19.91 8.99
CA ASP A 542 -14.96 18.47 9.19
C ASP A 542 -14.28 18.15 10.50
N THR A 543 -13.22 18.87 10.85
CA THR A 543 -12.52 18.60 12.10
C THR A 543 -13.16 19.24 13.31
N ALA A 544 -14.11 20.16 13.11
CA ALA A 544 -14.85 20.73 14.25
C ALA A 544 -16.13 19.97 14.56
N GLU A 545 -16.71 19.30 13.59
CA GLU A 545 -17.88 18.43 13.76
C GLU A 545 -19.05 19.30 14.23
N GLU A 546 -19.69 19.01 15.37
CA GLU A 546 -20.92 19.66 15.76
C GLU A 546 -20.74 21.10 16.23
N LYS A 547 -19.51 21.55 16.41
CA LYS A 547 -19.28 22.92 16.86
C LYS A 547 -19.38 23.94 15.73
N PHE A 548 -19.61 23.49 14.51
CA PHE A 548 -19.73 24.38 13.36
C PHE A 548 -21.14 24.91 13.15
N VAL A 549 -22.08 24.55 14.03
CA VAL A 549 -23.47 24.97 13.84
C VAL A 549 -23.63 26.49 13.81
N PRO A 550 -23.11 27.25 14.77
CA PRO A 550 -23.37 28.70 14.75
C PRO A 550 -22.87 29.40 13.49
N TYR A 551 -21.85 28.87 12.85
CA TYR A 551 -21.30 29.45 11.63
C TYR A 551 -21.90 28.87 10.36
N TYR A 552 -22.81 27.90 10.48
CA TYR A 552 -23.41 27.28 9.30
C TYR A 552 -24.05 28.32 8.39
N ASP A 553 -24.91 29.16 8.95
CA ASP A 553 -25.59 30.19 8.16
C ASP A 553 -24.62 31.18 7.56
N LEU A 554 -23.39 31.24 8.04
CA LEU A 554 -22.40 32.13 7.46
C LEU A 554 -21.88 31.63 6.12
N PHE A 555 -21.97 30.34 5.85
CA PHE A 555 -21.29 29.78 4.68
C PHE A 555 -22.22 29.14 3.66
N MET A 556 -23.30 28.51 4.10
CA MET A 556 -24.18 27.81 3.16
C MET A 556 -24.79 28.72 2.10
N PRO A 557 -25.33 29.90 2.42
CA PRO A 557 -25.88 30.75 1.35
C PRO A 557 -24.85 31.13 0.29
N SER A 558 -23.60 31.35 0.69
CA SER A 558 -22.57 31.71 -0.28
C SER A 558 -22.13 30.51 -1.10
N LEU A 559 -21.90 29.38 -0.44
CA LEU A 559 -21.38 28.20 -1.15
C LEU A 559 -22.35 27.73 -2.22
N LYS A 560 -23.64 27.68 -1.89
CA LYS A 560 -24.65 27.35 -2.91
C LYS A 560 -24.56 28.31 -4.08
N HIS A 561 -24.33 29.60 -3.79
CA HIS A 561 -24.19 30.59 -4.85
C HIS A 561 -23.06 30.22 -5.81
N ILE A 562 -22.00 29.60 -5.30
CA ILE A 562 -20.93 29.13 -6.18
C ILE A 562 -21.39 27.95 -7.02
N VAL A 563 -22.19 27.06 -6.43
CA VAL A 563 -22.62 25.86 -7.15
C VAL A 563 -23.59 26.22 -8.26
N GLU A 564 -24.54 27.13 -7.99
CA GLU A 564 -25.49 27.54 -9.01
C GLU A 564 -24.79 28.23 -10.17
N ASN A 565 -23.83 29.10 -9.88
CA ASN A 565 -22.95 29.67 -10.89
C ASN A 565 -21.78 28.72 -11.13
N ALA A 566 -20.73 29.23 -11.79
CA ALA A 566 -19.55 28.42 -12.13
C ALA A 566 -19.95 27.22 -12.99
N VAL A 567 -20.91 27.45 -13.89
CA VAL A 567 -21.39 26.38 -14.75
C VAL A 567 -20.56 26.21 -16.02
N GLN A 568 -19.71 27.18 -16.34
CA GLN A 568 -18.88 27.08 -17.53
C GLN A 568 -17.75 26.07 -17.31
N LYS A 569 -16.91 25.94 -18.33
CA LYS A 569 -15.71 25.12 -18.18
C LYS A 569 -14.67 25.87 -17.36
N GLU A 570 -13.52 25.22 -17.14
CA GLU A 570 -12.36 25.71 -16.40
C GLU A 570 -12.73 26.20 -15.00
N LEU A 571 -13.97 25.96 -14.58
CA LEU A 571 -14.39 26.11 -13.20
C LEU A 571 -14.92 24.80 -12.63
N ARG A 572 -14.67 23.69 -13.31
CA ARG A 572 -15.19 22.41 -12.87
C ARG A 572 -14.57 21.99 -11.55
N LEU A 573 -13.27 22.24 -11.37
CA LEU A 573 -12.63 21.94 -10.10
C LEU A 573 -13.21 22.77 -8.97
N LEU A 574 -13.49 24.04 -9.24
CA LEU A 574 -14.13 24.89 -8.23
C LEU A 574 -15.51 24.35 -7.85
N ARG A 575 -16.30 23.92 -8.84
CA ARG A 575 -17.62 23.37 -8.55
C ARG A 575 -17.51 22.09 -7.73
N GLY A 576 -16.58 21.21 -8.09
CA GLY A 576 -16.39 19.99 -7.33
C GLY A 576 -15.96 20.26 -5.91
N LYS A 577 -15.03 21.18 -5.71
CA LYS A 577 -14.58 21.52 -4.37
C LYS A 577 -15.69 22.15 -3.55
N THR A 578 -16.51 23.00 -4.18
CA THR A 578 -17.63 23.59 -3.45
C THR A 578 -18.66 22.55 -3.06
N ILE A 579 -18.95 21.60 -3.94
CA ILE A 579 -19.90 20.55 -3.62
C ILE A 579 -19.36 19.68 -2.48
N GLU A 580 -18.07 19.35 -2.53
CA GLU A 580 -17.47 18.59 -1.45
C GLU A 580 -17.52 19.36 -0.13
N CYS A 581 -17.29 20.67 -0.18
CA CYS A 581 -17.36 21.48 1.03
C CYS A 581 -18.78 21.51 1.59
N ILE A 582 -19.78 21.61 0.72
CA ILE A 582 -21.17 21.59 1.17
C ILE A 582 -21.47 20.26 1.85
N SER A 583 -21.04 19.16 1.24
CA SER A 583 -21.30 17.84 1.82
C SER A 583 -20.61 17.69 3.18
N LEU A 584 -19.36 18.15 3.28
CA LEU A 584 -18.63 18.02 4.54
C LEU A 584 -19.25 18.89 5.62
N ILE A 585 -19.68 20.11 5.29
CA ILE A 585 -20.33 20.98 6.26
C ILE A 585 -21.64 20.36 6.73
N GLY A 586 -22.42 19.79 5.81
CA GLY A 586 -23.65 19.13 6.21
C GLY A 586 -23.41 17.94 7.11
N LEU A 587 -22.41 17.11 6.77
CA LEU A 587 -22.10 15.96 7.61
C LEU A 587 -21.63 16.40 8.99
N ALA A 588 -20.86 17.49 9.07
CA ALA A 588 -20.40 17.98 10.35
C ALA A 588 -21.56 18.50 11.20
N VAL A 589 -22.44 19.31 10.61
CA VAL A 589 -23.55 19.88 11.38
C VAL A 589 -24.63 18.87 11.68
N GLY A 590 -24.67 17.74 10.99
CA GLY A 590 -25.62 16.69 11.30
C GLY A 590 -26.91 16.79 10.51
N LYS A 591 -27.76 15.78 10.69
CA LYS A 591 -29.01 15.70 9.94
C LYS A 591 -30.01 16.76 10.39
N GLU A 592 -30.03 17.09 11.69
CA GLU A 592 -31.04 18.00 12.22
C GLU A 592 -30.92 19.38 11.59
N LYS A 593 -29.71 19.96 11.61
CA LYS A 593 -29.53 21.29 11.05
C LYS A 593 -29.50 21.28 9.53
N PHE A 594 -29.01 20.19 8.92
CA PHE A 594 -28.92 20.15 7.47
C PHE A 594 -30.29 20.05 6.81
N MET A 595 -31.28 19.48 7.50
CA MET A 595 -32.57 19.26 6.87
C MET A 595 -33.42 20.53 6.91
N GLN A 596 -32.84 21.63 6.45
CA GLN A 596 -33.58 22.84 6.10
C GLN A 596 -33.16 23.42 4.77
N ASP A 597 -31.94 23.15 4.32
CA ASP A 597 -31.49 23.43 2.97
C ASP A 597 -31.21 22.15 2.20
N ALA A 598 -31.54 20.99 2.79
CA ALA A 598 -31.20 19.71 2.19
C ALA A 598 -31.92 19.50 0.87
N SER A 599 -33.16 19.97 0.77
CA SER A 599 -33.89 19.82 -0.50
C SER A 599 -33.21 20.58 -1.62
N ASP A 600 -32.82 21.83 -1.36
CA ASP A 600 -32.17 22.64 -2.39
C ASP A 600 -30.82 22.06 -2.79
N VAL A 601 -30.04 21.57 -1.83
CA VAL A 601 -28.76 20.96 -2.15
C VAL A 601 -28.97 19.67 -2.92
N MET A 602 -30.03 18.92 -2.60
CA MET A 602 -30.35 17.73 -3.37
C MET A 602 -30.68 18.08 -4.82
N GLN A 603 -31.46 19.14 -5.03
CA GLN A 603 -31.74 19.56 -6.40
C GLN A 603 -30.48 20.00 -7.13
N LEU A 604 -29.60 20.73 -6.44
CA LEU A 604 -28.34 21.14 -7.06
C LEU A 604 -27.50 19.94 -7.46
N LEU A 605 -27.37 18.96 -6.57
CA LEU A 605 -26.58 17.77 -6.89
C LEU A 605 -27.22 16.97 -8.01
N LEU A 606 -28.55 16.85 -8.01
CA LEU A 606 -29.23 16.12 -9.08
C LEU A 606 -29.03 16.81 -10.42
N LYS A 607 -29.16 18.14 -10.45
CA LYS A 607 -28.95 18.88 -11.69
C LYS A 607 -27.52 18.73 -12.18
N THR A 608 -26.55 18.82 -11.26
CA THR A 608 -25.16 18.63 -11.65
C THR A 608 -24.92 17.23 -12.22
N GLN A 609 -25.48 16.21 -11.56
CA GLN A 609 -25.31 14.84 -12.02
C GLN A 609 -25.91 14.64 -13.40
N THR A 610 -27.11 15.19 -13.63
CA THR A 610 -27.73 15.03 -14.94
C THR A 610 -27.06 15.90 -15.99
N ASP A 611 -26.34 16.94 -15.59
CA ASP A 611 -25.70 17.82 -16.55
C ASP A 611 -24.34 17.29 -16.99
N PHE A 612 -23.42 17.08 -16.03
CA PHE A 612 -22.03 16.81 -16.38
C PHE A 612 -21.82 15.42 -16.97
N ASN A 613 -22.80 14.54 -16.90
CA ASN A 613 -22.56 13.14 -17.25
C ASN A 613 -22.45 12.97 -18.76
N ASP A 614 -21.49 13.66 -19.37
CA ASP A 614 -21.21 13.52 -20.79
C ASP A 614 -19.73 13.54 -21.12
N MET A 615 -18.85 13.70 -20.13
CA MET A 615 -17.43 13.86 -20.36
C MET A 615 -16.69 12.55 -20.07
N GLU A 616 -15.37 12.62 -20.05
CA GLU A 616 -14.53 11.44 -19.88
C GLU A 616 -14.48 11.03 -18.40
N ASP A 617 -13.64 10.06 -18.07
CA ASP A 617 -13.49 9.59 -16.70
C ASP A 617 -12.40 10.31 -15.93
N ASP A 618 -11.64 11.19 -16.59
CA ASP A 618 -10.67 12.04 -15.92
C ASP A 618 -11.23 13.42 -15.63
N ASP A 619 -12.51 13.64 -15.89
CA ASP A 619 -13.16 14.88 -15.52
C ASP A 619 -13.06 15.07 -14.01
N PRO A 620 -12.66 16.25 -13.52
CA PRO A 620 -12.47 16.39 -12.07
C PRO A 620 -13.76 16.25 -11.27
N GLN A 621 -14.92 16.44 -11.92
CA GLN A 621 -16.19 16.22 -11.24
C GLN A 621 -16.66 14.78 -11.41
N ILE A 622 -15.80 13.80 -11.15
CA ILE A 622 -16.20 12.41 -11.24
C ILE A 622 -15.69 11.67 -10.01
N SER A 623 -14.78 12.31 -9.27
CA SER A 623 -14.36 11.82 -7.97
C SER A 623 -14.88 12.67 -6.83
N TYR A 624 -15.39 13.86 -7.12
CA TYR A 624 -15.98 14.73 -6.11
C TYR A 624 -17.48 14.51 -5.97
N MET A 625 -18.17 14.11 -7.04
CA MET A 625 -19.60 13.87 -6.96
C MET A 625 -19.91 12.55 -6.26
N ILE A 626 -19.10 11.52 -6.47
CA ILE A 626 -19.35 10.22 -5.85
C ILE A 626 -19.23 10.33 -4.34
N SER A 627 -18.14 10.93 -3.86
CA SER A 627 -17.95 11.11 -2.43
C SER A 627 -19.03 12.00 -1.84
N ALA A 628 -19.47 13.01 -2.59
CA ALA A 628 -20.57 13.86 -2.12
C ALA A 628 -21.85 13.04 -1.96
N TRP A 629 -22.14 12.16 -2.91
CA TRP A 629 -23.33 11.32 -2.81
C TRP A 629 -23.22 10.38 -1.60
N ALA A 630 -22.04 9.81 -1.37
CA ALA A 630 -21.87 8.94 -0.21
C ALA A 630 -22.03 9.70 1.10
N ARG A 631 -21.49 10.91 1.17
CA ARG A 631 -21.65 11.73 2.37
C ARG A 631 -23.12 12.08 2.60
N MET A 632 -23.84 12.40 1.54
CA MET A 632 -25.27 12.70 1.69
C MET A 632 -26.05 11.46 2.10
N CYS A 633 -25.62 10.28 1.64
CA CYS A 633 -26.21 9.04 2.13
C CYS A 633 -25.98 8.87 3.62
N LYS A 634 -24.75 9.16 4.08
CA LYS A 634 -24.46 9.08 5.51
C LYS A 634 -25.34 10.05 6.30
N ILE A 635 -25.53 11.26 5.78
CA ILE A 635 -26.34 12.25 6.48
C ILE A 635 -27.80 11.83 6.51
N LEU A 636 -28.34 11.36 5.38
CA LEU A 636 -29.76 11.11 5.21
C LEU A 636 -30.13 9.64 5.33
N GLY A 637 -29.28 8.83 5.96
CA GLY A 637 -29.68 7.53 6.48
C GLY A 637 -30.54 6.67 5.58
N LYS A 638 -31.78 6.42 6.00
CA LYS A 638 -32.72 5.61 5.24
C LYS A 638 -33.58 6.43 4.29
N GLU A 639 -33.74 7.73 4.55
CA GLU A 639 -34.47 8.58 3.62
C GLU A 639 -33.76 8.67 2.27
N PHE A 640 -32.45 8.43 2.27
CA PHE A 640 -31.67 8.52 1.04
C PHE A 640 -32.06 7.48 0.00
N GLN A 641 -32.83 6.45 0.40
CA GLN A 641 -33.15 5.36 -0.52
C GLN A 641 -33.85 5.85 -1.78
N GLN A 642 -34.53 7.00 -1.71
CA GLN A 642 -35.21 7.53 -2.88
C GLN A 642 -34.23 7.87 -3.99
N TYR A 643 -33.08 8.45 -3.64
CA TYR A 643 -32.09 8.89 -4.62
C TYR A 643 -31.17 7.79 -5.08
N LEU A 644 -31.32 6.56 -4.57
CA LEU A 644 -30.42 5.48 -4.94
C LEU A 644 -30.41 5.16 -6.44
N PRO A 645 -31.53 5.09 -7.15
CA PRO A 645 -31.45 4.79 -8.59
C PRO A 645 -30.64 5.80 -9.38
N VAL A 646 -30.69 7.08 -9.00
CA VAL A 646 -29.98 8.11 -9.76
C VAL A 646 -28.48 7.98 -9.55
N VAL A 647 -28.04 7.81 -8.31
CA VAL A 647 -26.61 7.75 -8.02
C VAL A 647 -26.02 6.42 -8.49
N MET A 648 -26.81 5.34 -8.42
CA MET A 648 -26.25 4.01 -8.66
C MET A 648 -25.84 3.79 -10.12
N GLY A 649 -26.31 4.61 -11.04
CA GLY A 649 -25.94 4.48 -12.43
C GLY A 649 -24.50 4.86 -12.70
N PRO A 650 -24.18 6.15 -12.58
CA PRO A 650 -22.80 6.60 -12.82
C PRO A 650 -21.79 5.96 -11.89
N LEU A 651 -22.15 5.69 -10.63
CA LEU A 651 -21.20 5.07 -9.72
C LEU A 651 -20.81 3.68 -10.20
N MET A 652 -21.80 2.89 -10.63
CA MET A 652 -21.49 1.57 -11.17
C MET A 652 -20.77 1.67 -12.51
N LYS A 653 -21.06 2.72 -13.29
CA LYS A 653 -20.37 2.90 -14.55
C LYS A 653 -18.88 3.15 -14.35
N THR A 654 -18.54 4.00 -13.38
CA THR A 654 -17.14 4.33 -13.13
C THR A 654 -16.46 3.34 -12.19
N ALA A 655 -17.21 2.43 -11.58
CA ALA A 655 -16.62 1.41 -10.72
C ALA A 655 -16.17 0.17 -11.48
N SER A 656 -16.52 0.05 -12.76
CA SER A 656 -16.20 -1.14 -13.54
C SER A 656 -15.54 -0.78 -14.86
N ILE A 657 -14.65 0.21 -14.85
CA ILE A 657 -13.93 0.60 -16.06
C ILE A 657 -12.74 -0.33 -16.24
N LYS A 658 -12.51 -0.76 -17.48
CA LYS A 658 -11.39 -1.65 -17.78
C LYS A 658 -10.22 -0.83 -18.30
N PRO A 659 -9.10 -0.79 -17.60
CA PRO A 659 -7.95 -0.02 -18.11
C PRO A 659 -7.40 -0.62 -19.39
N GLU A 660 -6.92 0.25 -20.26
CA GLU A 660 -6.35 -0.18 -21.53
C GLU A 660 -4.96 -0.73 -21.29
N VAL A 661 -4.74 -1.98 -21.69
CA VAL A 661 -3.47 -2.68 -21.50
C VAL A 661 -2.99 -3.18 -22.86
N ALA A 662 -1.68 -3.09 -23.08
CA ALA A 662 -1.08 -3.54 -24.33
C ALA A 662 0.26 -4.19 -24.04
N LEU A 663 0.48 -5.37 -24.63
CA LEU A 663 1.74 -6.08 -24.52
C LEU A 663 2.52 -5.88 -25.81
N LEU A 664 3.53 -5.04 -25.77
CA LEU A 664 4.32 -4.67 -26.93
C LEU A 664 5.70 -5.30 -26.85
N ASP A 665 6.51 -5.04 -27.86
CA ASP A 665 7.92 -5.39 -27.86
C ASP A 665 8.74 -4.17 -27.45
N THR A 666 9.90 -4.41 -26.85
CA THR A 666 10.75 -3.31 -26.41
C THR A 666 11.16 -2.44 -27.58
N GLN A 667 11.47 -3.04 -28.72
CA GLN A 667 11.82 -2.28 -29.91
C GLN A 667 10.64 -1.47 -30.45
N ASP A 668 9.42 -1.86 -30.05
CA ASP A 668 8.21 -1.12 -30.50
C ASP A 668 7.82 -0.10 -29.42
N MET A 669 8.14 -0.36 -28.16
CA MET A 669 7.74 0.54 -27.08
C MET A 669 8.31 1.93 -27.29
N GLU A 670 9.57 2.00 -27.72
CA GLU A 670 10.21 3.30 -28.01
C GLU A 670 9.32 4.09 -28.98
N ASN A 671 8.80 3.40 -29.99
CA ASN A 671 8.14 4.02 -31.12
C ASN A 671 6.81 4.66 -30.77
N MET A 672 6.30 4.42 -29.56
CA MET A 672 5.05 5.00 -29.08
C MET A 672 5.29 6.12 -28.08
N SER A 673 6.29 6.96 -28.35
CA SER A 673 6.75 8.03 -27.47
C SER A 673 5.74 9.18 -27.31
N ASP A 674 4.51 9.05 -27.79
CA ASP A 674 3.52 10.11 -27.58
C ASP A 674 3.28 10.34 -26.09
N ASP A 675 3.17 9.26 -25.32
CA ASP A 675 3.05 9.33 -23.86
C ASP A 675 1.84 10.15 -23.43
N ASP A 676 0.66 9.67 -23.81
CA ASP A 676 -0.58 10.28 -23.38
C ASP A 676 -0.96 9.92 -21.95
N GLY A 677 -0.16 9.07 -21.30
CA GLY A 677 -0.49 8.56 -19.98
C GLY A 677 -0.08 7.11 -19.84
N TRP A 678 0.47 6.55 -20.91
CA TRP A 678 0.93 5.17 -20.89
C TRP A 678 2.06 5.00 -19.89
N GLU A 679 1.92 3.99 -19.03
CA GLU A 679 2.98 3.59 -18.10
C GLU A 679 3.50 2.24 -18.52
N PHE A 680 4.79 2.17 -18.84
CA PHE A 680 5.41 0.98 -19.42
C PHE A 680 6.37 0.35 -18.43
N VAL A 681 6.48 -0.97 -18.49
CA VAL A 681 7.42 -1.73 -17.67
C VAL A 681 8.14 -2.72 -18.58
N ASN A 682 9.45 -2.78 -18.44
CA ASN A 682 10.28 -3.64 -19.29
C ASN A 682 10.15 -5.07 -18.78
N LEU A 683 9.29 -5.85 -19.42
CA LEU A 683 9.16 -7.25 -19.08
C LEU A 683 10.40 -8.03 -19.52
N GLY A 684 10.53 -9.24 -19.00
CA GLY A 684 11.70 -10.04 -19.29
C GLY A 684 11.77 -10.44 -20.76
N ASP A 685 13.00 -10.51 -21.26
CA ASP A 685 13.32 -11.06 -22.58
C ASP A 685 12.65 -10.26 -23.70
N GLN A 686 13.02 -8.97 -23.77
CA GLN A 686 12.66 -8.09 -24.89
C GLN A 686 11.14 -7.98 -25.07
N GLN A 687 10.45 -7.59 -24.00
CA GLN A 687 9.03 -7.32 -24.06
C GLN A 687 8.71 -6.08 -23.24
N SER A 688 7.63 -5.41 -23.60
CA SER A 688 7.18 -4.23 -22.87
C SER A 688 5.71 -4.40 -22.52
N PHE A 689 5.39 -4.18 -21.25
CA PHE A 689 4.02 -4.31 -20.76
C PHE A 689 3.55 -2.94 -20.30
N GLY A 690 2.50 -2.43 -20.93
CA GLY A 690 2.04 -1.07 -20.68
C GLY A 690 0.58 -1.04 -20.25
N ILE A 691 0.29 -0.20 -19.26
CA ILE A 691 -1.08 0.03 -18.80
C ILE A 691 -1.31 1.54 -18.74
N LYS A 692 -2.57 1.94 -18.93
CA LYS A 692 -2.95 3.34 -18.87
C LYS A 692 -3.53 3.63 -17.50
N THR A 693 -2.78 4.38 -16.68
CA THR A 693 -3.22 4.72 -15.34
C THR A 693 -4.12 5.95 -15.35
N ALA A 694 -5.18 5.91 -16.17
CA ALA A 694 -6.14 7.00 -16.28
C ALA A 694 -7.50 6.46 -15.83
N GLY A 695 -7.88 6.76 -14.59
CA GLY A 695 -9.13 6.30 -14.03
C GLY A 695 -9.00 5.22 -12.98
N LEU A 696 -7.77 4.79 -12.64
CA LEU A 696 -7.61 3.80 -11.59
C LEU A 696 -8.01 4.36 -10.23
N GLU A 697 -7.63 5.61 -9.95
CA GLU A 697 -8.00 6.22 -8.68
C GLU A 697 -9.51 6.42 -8.58
N GLU A 698 -10.14 6.78 -9.70
CA GLU A 698 -11.60 6.87 -9.73
C GLU A 698 -12.24 5.52 -9.48
N LYS A 699 -11.65 4.45 -10.02
CA LYS A 699 -12.16 3.10 -9.75
C LYS A 699 -12.05 2.77 -8.27
N SER A 700 -10.91 3.10 -7.65
CA SER A 700 -10.75 2.84 -6.23
C SER A 700 -11.76 3.62 -5.40
N THR A 701 -11.96 4.90 -5.73
CA THR A 701 -12.94 5.71 -5.02
C THR A 701 -14.34 5.15 -5.17
N ALA A 702 -14.71 4.72 -6.39
CA ALA A 702 -16.03 4.17 -6.61
C ALA A 702 -16.23 2.87 -5.84
N CYS A 703 -15.21 2.01 -5.81
CA CYS A 703 -15.33 0.77 -5.05
C CYS A 703 -15.46 1.04 -3.55
N GLN A 704 -14.67 1.97 -3.02
CA GLN A 704 -14.78 2.30 -1.61
C GLN A 704 -16.15 2.90 -1.30
N MET A 705 -16.69 3.70 -2.21
CA MET A 705 -18.01 4.28 -1.98
C MET A 705 -19.11 3.23 -2.09
N LEU A 706 -18.92 2.20 -2.92
CA LEU A 706 -19.84 1.07 -2.92
C LEU A 706 -19.82 0.34 -1.59
N VAL A 707 -18.62 0.15 -1.03
CA VAL A 707 -18.51 -0.46 0.30
C VAL A 707 -19.23 0.38 1.34
N CYS A 708 -19.04 1.69 1.30
CA CYS A 708 -19.72 2.58 2.24
C CYS A 708 -21.23 2.52 2.06
N TYR A 709 -21.69 2.48 0.81
CA TYR A 709 -23.12 2.39 0.52
C TYR A 709 -23.71 1.13 1.12
N ALA A 710 -23.05 0.00 0.91
CA ALA A 710 -23.55 -1.26 1.47
C ALA A 710 -23.58 -1.20 3.00
N LYS A 711 -22.50 -0.69 3.60
CA LYS A 711 -22.43 -0.63 5.06
C LYS A 711 -23.53 0.26 5.63
N GLU A 712 -23.81 1.39 4.99
CA GLU A 712 -24.80 2.32 5.52
C GLU A 712 -26.22 1.84 5.27
N LEU A 713 -26.47 1.18 4.14
CA LEU A 713 -27.85 0.85 3.80
C LEU A 713 -28.30 -0.50 4.31
N LYS A 714 -27.42 -1.51 4.35
CA LYS A 714 -27.79 -2.83 4.84
C LYS A 714 -28.98 -3.42 4.08
N GLU A 715 -30.14 -3.49 4.74
CA GLU A 715 -31.30 -4.13 4.14
C GLU A 715 -31.81 -3.40 2.91
N GLY A 716 -31.56 -2.09 2.80
CA GLY A 716 -32.05 -1.34 1.66
C GLY A 716 -31.22 -1.45 0.40
N PHE A 717 -30.09 -2.14 0.47
CA PHE A 717 -29.20 -2.33 -0.66
C PHE A 717 -29.44 -3.66 -1.37
N VAL A 718 -30.49 -4.39 -1.00
CA VAL A 718 -30.68 -5.74 -1.50
C VAL A 718 -30.96 -5.76 -3.00
N GLU A 719 -31.57 -4.68 -3.53
CA GLU A 719 -31.89 -4.65 -4.95
C GLU A 719 -30.63 -4.61 -5.80
N TYR A 720 -29.57 -3.97 -5.32
CA TYR A 720 -28.32 -3.82 -6.07
C TYR A 720 -27.23 -4.77 -5.60
N THR A 721 -27.56 -5.72 -4.71
CA THR A 721 -26.54 -6.61 -4.16
C THR A 721 -25.94 -7.51 -5.22
N GLU A 722 -26.77 -8.05 -6.12
CA GLU A 722 -26.29 -9.01 -7.11
C GLU A 722 -25.28 -8.37 -8.06
N GLN A 723 -25.57 -7.16 -8.54
CA GLN A 723 -24.64 -6.48 -9.45
C GLN A 723 -23.31 -6.19 -8.75
N VAL A 724 -23.36 -5.72 -7.50
CA VAL A 724 -22.14 -5.39 -6.79
C VAL A 724 -21.33 -6.65 -6.52
N VAL A 725 -22.00 -7.77 -6.23
CA VAL A 725 -21.28 -9.02 -6.01
C VAL A 725 -20.60 -9.46 -7.29
N LYS A 726 -21.34 -9.47 -8.40
CA LYS A 726 -20.77 -9.90 -9.68
C LYS A 726 -19.69 -8.96 -10.18
N LEU A 727 -19.67 -7.72 -9.70
CA LEU A 727 -18.61 -6.78 -10.06
C LEU A 727 -17.39 -6.93 -9.16
N MET A 728 -17.60 -7.10 -7.86
CA MET A 728 -16.50 -7.10 -6.90
C MET A 728 -15.79 -8.44 -6.83
N VAL A 729 -16.45 -9.55 -7.17
CA VAL A 729 -15.78 -10.84 -7.14
C VAL A 729 -14.61 -10.90 -8.12
N PRO A 730 -14.73 -10.48 -9.38
CA PRO A 730 -13.54 -10.42 -10.24
C PRO A 730 -12.48 -9.44 -9.74
N LEU A 731 -12.89 -8.37 -9.05
CA LEU A 731 -11.95 -7.32 -8.66
C LEU A 731 -10.95 -7.77 -7.61
N LEU A 732 -11.13 -8.95 -7.01
CA LEU A 732 -10.13 -9.47 -6.08
C LEU A 732 -8.81 -9.69 -6.79
N LYS A 733 -8.85 -10.18 -8.02
CA LYS A 733 -7.64 -10.37 -8.83
C LYS A 733 -7.44 -9.18 -9.76
N PHE A 734 -7.32 -7.99 -9.18
CA PHE A 734 -7.07 -6.76 -9.92
C PHE A 734 -5.77 -6.17 -9.37
N TYR A 735 -4.64 -6.64 -9.90
CA TYR A 735 -3.33 -6.31 -9.35
C TYR A 735 -2.86 -4.92 -9.73
N PHE A 736 -3.59 -4.20 -10.59
CA PHE A 736 -3.16 -2.88 -11.00
C PHE A 736 -3.29 -1.85 -9.88
N HIS A 737 -4.19 -2.08 -8.93
CA HIS A 737 -4.42 -1.14 -7.84
C HIS A 737 -4.70 -1.91 -6.56
N ASP A 738 -4.01 -1.54 -5.48
CA ASP A 738 -4.19 -2.21 -4.20
C ASP A 738 -5.48 -1.77 -3.52
N GLY A 739 -5.86 -0.50 -3.69
CA GLY A 739 -7.08 0.00 -3.08
C GLY A 739 -8.32 -0.70 -3.60
N VAL A 740 -8.36 -0.98 -4.90
CA VAL A 740 -9.50 -1.68 -5.48
C VAL A 740 -9.63 -3.07 -4.89
N ARG A 741 -8.52 -3.79 -4.75
CA ARG A 741 -8.55 -5.12 -4.18
C ARG A 741 -8.98 -5.08 -2.71
N VAL A 742 -8.48 -4.10 -1.96
CA VAL A 742 -8.85 -3.98 -0.55
C VAL A 742 -10.34 -3.70 -0.42
N ALA A 743 -10.87 -2.80 -1.25
CA ALA A 743 -12.30 -2.50 -1.21
C ALA A 743 -13.14 -3.71 -1.61
N ALA A 744 -12.70 -4.44 -2.64
CA ALA A 744 -13.42 -5.63 -3.07
C ALA A 744 -13.44 -6.69 -1.97
N ALA A 745 -12.32 -6.85 -1.26
CA ALA A 745 -12.29 -7.77 -0.14
C ALA A 745 -13.22 -7.31 0.98
N GLU A 746 -13.20 -6.01 1.30
CA GLU A 746 -14.01 -5.52 2.40
C GLU A 746 -15.50 -5.61 2.11
N SER A 747 -15.89 -5.51 0.84
CA SER A 747 -17.32 -5.53 0.52
C SER A 747 -17.95 -6.91 0.67
N MET A 748 -17.16 -7.96 0.87
CA MET A 748 -17.70 -9.32 0.84
C MET A 748 -18.72 -9.60 1.94
N PRO A 749 -18.44 -9.34 3.24
CA PRO A 749 -19.45 -9.68 4.26
C PRO A 749 -20.62 -8.71 4.30
N LEU A 750 -20.36 -7.45 3.92
CA LEU A 750 -21.43 -6.45 3.89
C LEU A 750 -22.51 -6.83 2.87
N LEU A 751 -22.10 -7.32 1.71
CA LEU A 751 -23.08 -7.71 0.69
C LEU A 751 -23.87 -8.94 1.14
N LEU A 752 -23.22 -9.87 1.85
CA LEU A 752 -23.95 -10.99 2.42
C LEU A 752 -24.99 -10.52 3.43
N GLU A 753 -24.62 -9.58 4.30
CA GLU A 753 -25.58 -9.03 5.25
C GLU A 753 -26.72 -8.32 4.54
N CYS A 754 -26.42 -7.64 3.43
CA CYS A 754 -27.48 -7.00 2.64
C CYS A 754 -28.43 -8.03 2.05
N ALA A 755 -27.88 -9.13 1.50
CA ALA A 755 -28.69 -10.15 0.85
C ALA A 755 -29.37 -11.09 1.83
N ARG A 756 -29.02 -11.02 3.12
CA ARG A 756 -29.66 -11.88 4.11
C ARG A 756 -31.18 -11.71 4.12
N VAL A 757 -31.68 -10.52 3.78
CA VAL A 757 -33.10 -10.23 3.83
C VAL A 757 -33.92 -11.13 2.92
N ARG A 758 -33.41 -11.46 1.73
CA ARG A 758 -34.17 -12.23 0.75
C ARG A 758 -34.27 -13.71 1.10
N GLY A 759 -33.60 -14.17 2.14
CA GLY A 759 -33.73 -15.53 2.59
C GLY A 759 -32.45 -16.33 2.48
N PRO A 760 -32.45 -17.54 3.04
CA PRO A 760 -31.23 -18.37 3.01
C PRO A 760 -30.79 -18.78 1.61
N GLU A 761 -31.73 -18.91 0.67
CA GLU A 761 -31.35 -19.31 -0.68
C GLU A 761 -30.53 -18.24 -1.37
N TYR A 762 -30.93 -16.97 -1.23
CA TYR A 762 -30.16 -15.87 -1.79
C TYR A 762 -28.78 -15.78 -1.15
N LEU A 763 -28.71 -15.95 0.17
CA LEU A 763 -27.44 -15.97 0.86
C LEU A 763 -26.54 -17.07 0.33
N THR A 764 -27.11 -18.26 0.11
CA THR A 764 -26.32 -19.37 -0.42
C THR A 764 -25.82 -19.07 -1.82
N GLN A 765 -26.65 -18.44 -2.65
CA GLN A 765 -26.22 -18.10 -4.01
C GLN A 765 -25.06 -17.12 -3.99
N MET A 766 -25.18 -16.04 -3.20
CA MET A 766 -24.08 -15.09 -3.10
C MET A 766 -22.82 -15.74 -2.53
N TRP A 767 -22.97 -16.58 -1.50
CA TRP A 767 -21.80 -17.24 -0.93
C TRP A 767 -21.15 -18.17 -1.94
N HIS A 768 -21.94 -18.83 -2.78
CA HIS A 768 -21.35 -19.67 -3.81
C HIS A 768 -20.61 -18.83 -4.84
N PHE A 769 -21.08 -17.61 -5.09
CA PHE A 769 -20.31 -16.70 -5.93
C PHE A 769 -18.97 -16.34 -5.28
N MET A 770 -18.97 -16.05 -3.98
CA MET A 770 -17.81 -15.42 -3.36
C MET A 770 -16.78 -16.40 -2.82
N CYS A 771 -17.19 -17.61 -2.45
CA CYS A 771 -16.34 -18.48 -1.64
C CYS A 771 -15.10 -18.95 -2.41
N ASP A 772 -15.30 -19.45 -3.63
CA ASP A 772 -14.17 -19.95 -4.41
C ASP A 772 -13.20 -18.83 -4.74
N ALA A 773 -13.71 -17.66 -5.11
CA ALA A 773 -12.84 -16.53 -5.42
C ALA A 773 -12.04 -16.12 -4.20
N LEU A 774 -12.68 -16.05 -3.03
CA LEU A 774 -11.97 -15.66 -1.82
C LEU A 774 -10.90 -16.68 -1.46
N ILE A 775 -11.23 -17.97 -1.55
CA ILE A 775 -10.25 -19.01 -1.22
C ILE A 775 -9.06 -18.95 -2.16
N LYS A 776 -9.31 -18.78 -3.46
CA LYS A 776 -8.21 -18.69 -4.40
C LYS A 776 -7.36 -17.44 -4.17
N ALA A 777 -8.01 -16.32 -3.83
CA ALA A 777 -7.26 -15.08 -3.62
C ALA A 777 -6.46 -15.12 -2.33
N ILE A 778 -6.88 -15.92 -1.35
CA ILE A 778 -6.11 -16.03 -0.11
C ILE A 778 -4.74 -16.63 -0.38
N GLY A 779 -4.67 -17.67 -1.19
CA GLY A 779 -3.43 -18.36 -1.47
C GLY A 779 -2.64 -17.82 -2.64
N THR A 780 -2.94 -16.61 -3.11
CA THR A 780 -2.28 -16.05 -4.28
C THR A 780 -1.81 -14.61 -4.08
N GLU A 781 -2.39 -13.86 -3.15
CA GLU A 781 -2.12 -12.43 -3.04
C GLU A 781 -0.66 -12.17 -2.67
N PRO A 782 0.06 -11.37 -3.45
CA PRO A 782 1.45 -11.03 -3.08
C PRO A 782 1.54 -10.11 -1.87
N ASP A 783 0.78 -9.01 -1.90
CA ASP A 783 0.87 -7.99 -0.85
C ASP A 783 0.44 -8.56 0.48
N SER A 784 1.16 -8.18 1.55
CA SER A 784 0.81 -8.68 2.88
C SER A 784 -0.43 -7.98 3.43
N ASP A 785 -0.55 -6.67 3.21
CA ASP A 785 -1.71 -5.94 3.74
C ASP A 785 -3.00 -6.36 3.05
N VAL A 786 -2.97 -6.44 1.72
CA VAL A 786 -4.15 -6.87 0.98
C VAL A 786 -4.52 -8.30 1.35
N LEU A 787 -3.52 -9.16 1.51
CA LEU A 787 -3.78 -10.54 1.91
C LEU A 787 -4.41 -10.60 3.29
N SER A 788 -3.92 -9.79 4.23
CA SER A 788 -4.51 -9.78 5.57
C SER A 788 -5.95 -9.31 5.52
N GLU A 789 -6.23 -8.29 4.70
CA GLU A 789 -7.61 -7.82 4.56
C GLU A 789 -8.49 -8.91 3.96
N ILE A 790 -7.99 -9.63 2.97
CA ILE A 790 -8.76 -10.70 2.33
C ILE A 790 -9.06 -11.80 3.34
N MET A 791 -8.08 -12.18 4.14
CA MET A 791 -8.29 -13.23 5.13
C MET A 791 -9.28 -12.79 6.21
N HIS A 792 -9.20 -11.51 6.63
CA HIS A 792 -10.17 -10.99 7.58
C HIS A 792 -11.58 -11.03 7.00
N SER A 793 -11.73 -10.64 5.74
CA SER A 793 -13.04 -10.68 5.11
C SER A 793 -13.58 -12.09 4.98
N PHE A 794 -12.70 -13.04 4.64
CA PHE A 794 -13.13 -14.44 4.54
C PHE A 794 -13.57 -14.98 5.89
N ALA A 795 -12.83 -14.64 6.95
CA ALA A 795 -13.24 -15.05 8.29
C ALA A 795 -14.58 -14.46 8.68
N LYS A 796 -14.80 -13.17 8.36
CA LYS A 796 -16.08 -12.55 8.65
C LYS A 796 -17.21 -13.21 7.88
N CYS A 797 -16.97 -13.53 6.60
CA CYS A 797 -17.99 -14.18 5.79
C CYS A 797 -18.33 -15.55 6.34
N ILE A 798 -17.34 -16.33 6.75
CA ILE A 798 -17.61 -17.62 7.38
C ILE A 798 -18.39 -17.44 8.66
N GLU A 799 -18.07 -16.38 9.43
CA GLU A 799 -18.80 -16.11 10.66
C GLU A 799 -20.26 -15.78 10.38
N VAL A 800 -20.53 -15.12 9.24
CA VAL A 800 -21.91 -14.79 8.88
C VAL A 800 -22.73 -16.06 8.66
N MET A 801 -22.18 -17.02 7.93
CA MET A 801 -22.88 -18.24 7.55
C MET A 801 -22.20 -19.44 8.20
N GLY A 802 -22.86 -20.04 9.18
CA GLY A 802 -22.26 -21.15 9.89
C GLY A 802 -22.90 -22.50 9.63
N ASP A 803 -22.16 -23.56 9.94
CA ASP A 803 -22.65 -24.95 9.87
C ASP A 803 -23.13 -25.30 8.46
N GLY A 804 -22.17 -25.31 7.54
CA GLY A 804 -22.45 -25.77 6.19
C GLY A 804 -22.15 -24.77 5.10
N CYS A 805 -21.26 -23.82 5.37
CA CYS A 805 -20.89 -22.81 4.39
C CYS A 805 -19.76 -23.25 3.48
N LEU A 806 -19.09 -24.36 3.78
CA LEU A 806 -17.95 -24.83 2.99
C LEU A 806 -18.22 -26.24 2.50
N ASN A 807 -17.86 -26.50 1.25
CA ASN A 807 -17.98 -27.83 0.67
C ASN A 807 -16.72 -28.64 1.00
N ASN A 808 -16.64 -29.85 0.45
CA ASN A 808 -15.44 -30.66 0.63
C ASN A 808 -14.27 -30.10 -0.18
N GLU A 809 -14.54 -29.64 -1.40
CA GLU A 809 -13.49 -29.05 -2.22
C GLU A 809 -12.94 -27.79 -1.58
N HIS A 810 -13.83 -26.94 -1.05
CA HIS A 810 -13.37 -25.75 -0.35
C HIS A 810 -12.56 -26.10 0.88
N PHE A 811 -12.98 -27.14 1.61
CA PHE A 811 -12.23 -27.56 2.79
C PHE A 811 -10.83 -28.02 2.41
N GLU A 812 -10.71 -28.82 1.34
CA GLU A 812 -9.40 -29.29 0.92
C GLU A 812 -8.51 -28.15 0.48
N GLU A 813 -9.06 -27.23 -0.32
CA GLU A 813 -8.28 -26.08 -0.78
C GLU A 813 -7.84 -25.21 0.38
N LEU A 814 -8.74 -24.96 1.34
CA LEU A 814 -8.38 -24.15 2.49
C LEU A 814 -7.31 -24.83 3.34
N GLY A 815 -7.42 -26.14 3.53
CA GLY A 815 -6.39 -26.84 4.28
C GLY A 815 -5.03 -26.73 3.62
N GLY A 816 -4.99 -26.94 2.30
CA GLY A 816 -3.73 -26.79 1.59
C GLY A 816 -3.15 -25.39 1.69
N ILE A 817 -4.01 -24.38 1.51
CA ILE A 817 -3.52 -23.00 1.53
C ILE A 817 -3.04 -22.61 2.92
N LEU A 818 -3.76 -23.01 3.96
CA LEU A 818 -3.34 -22.68 5.32
C LEU A 818 -2.05 -23.40 5.69
N LYS A 819 -1.89 -24.65 5.27
CA LYS A 819 -0.63 -25.34 5.51
C LYS A 819 0.52 -24.63 4.78
N ALA A 820 0.28 -24.19 3.55
CA ALA A 820 1.31 -23.45 2.83
C ALA A 820 1.66 -22.16 3.55
N LYS A 821 0.66 -21.46 4.07
CA LYS A 821 0.91 -20.20 4.78
C LYS A 821 1.72 -20.43 6.05
N LEU A 822 1.38 -21.47 6.82
CA LEU A 822 2.15 -21.75 8.03
C LEU A 822 3.59 -22.17 7.70
N GLU A 823 3.77 -22.96 6.64
CA GLU A 823 5.11 -23.32 6.22
C GLU A 823 5.90 -22.10 5.79
N GLU A 824 5.26 -21.17 5.07
CA GLU A 824 5.92 -19.94 4.67
C GLU A 824 6.32 -19.11 5.89
N HIS A 825 5.44 -19.05 6.89
CA HIS A 825 5.77 -18.30 8.10
C HIS A 825 6.97 -18.91 8.81
N PHE A 826 7.03 -20.25 8.87
CA PHE A 826 8.17 -20.90 9.52
C PHE A 826 9.46 -20.69 8.72
N LYS A 827 9.37 -20.72 7.39
CA LYS A 827 10.56 -20.59 6.55
C LYS A 827 11.08 -19.15 6.50
N ASN A 828 10.20 -18.17 6.62
CA ASN A 828 10.64 -16.78 6.55
C ASN A 828 11.54 -16.41 7.71
N GLN A 829 11.35 -17.03 8.87
CA GLN A 829 12.25 -16.76 9.99
C GLN A 829 13.68 -17.20 9.67
N GLU A 830 13.85 -18.39 9.11
CA GLU A 830 15.17 -18.85 8.71
C GLU A 830 15.73 -17.98 7.59
N LEU A 831 14.88 -17.56 6.66
CA LEU A 831 15.35 -16.69 5.58
C LEU A 831 15.84 -15.35 6.12
N ARG A 832 15.12 -14.79 7.09
CA ARG A 832 15.56 -13.53 7.71
C ARG A 832 16.85 -13.72 8.50
N GLN A 833 16.98 -14.87 9.18
CA GLN A 833 18.23 -15.15 9.89
C GLN A 833 19.40 -15.24 8.92
N VAL A 834 19.18 -15.85 7.76
CA VAL A 834 20.22 -15.89 6.73
C VAL A 834 20.50 -14.49 6.20
N LYS A 835 19.47 -13.64 6.11
CA LYS A 835 19.67 -12.25 5.71
C LYS A 835 20.59 -11.53 6.68
N ARG A 836 20.42 -11.77 7.98
CA ARG A 836 21.37 -11.27 8.96
C ARG A 836 22.70 -12.00 8.81
N GLN A 837 23.69 -11.56 9.59
CA GLN A 837 25.06 -12.07 9.50
C GLN A 837 25.58 -11.95 8.08
N ASP A 838 25.29 -10.81 7.46
CA ASP A 838 25.68 -10.51 6.09
C ASP A 838 26.86 -9.53 6.10
N GLU A 839 27.41 -9.27 4.91
CA GLU A 839 28.50 -8.32 4.81
C GLU A 839 28.06 -6.91 5.18
N ASP A 840 26.79 -6.59 4.96
CA ASP A 840 26.26 -5.24 5.22
C ASP A 840 24.99 -5.40 6.05
N TYR A 841 25.15 -5.36 7.38
CA TYR A 841 24.03 -5.43 8.30
C TYR A 841 24.23 -4.38 9.39
N ASP A 842 23.23 -3.51 9.55
CA ASP A 842 23.29 -2.45 10.55
C ASP A 842 21.91 -2.31 11.19
N GLU A 843 21.71 -1.22 11.93
CA GLU A 843 20.48 -1.05 12.69
C GLU A 843 19.26 -0.95 11.77
N GLN A 844 19.38 -0.22 10.66
CA GLN A 844 18.22 -0.01 9.79
C GLN A 844 17.80 -1.31 9.11
N VAL A 845 18.75 -2.17 8.75
CA VAL A 845 18.41 -3.49 8.23
C VAL A 845 17.64 -4.28 9.27
N GLU A 846 18.06 -4.19 10.54
CA GLU A 846 17.33 -4.86 11.61
C GLU A 846 15.92 -4.32 11.75
N GLU A 847 15.74 -3.01 11.60
CA GLU A 847 14.41 -2.43 11.66
C GLU A 847 13.53 -2.93 10.53
N SER A 848 14.09 -3.03 9.32
CA SER A 848 13.34 -3.57 8.19
C SER A 848 12.94 -5.02 8.44
N LEU A 849 13.86 -5.81 8.98
CA LEU A 849 13.54 -7.21 9.29
C LEU A 849 12.46 -7.31 10.37
N GLN A 850 12.49 -6.40 11.34
CA GLN A 850 11.44 -6.37 12.35
C GLN A 850 10.10 -6.03 11.75
N ASP A 851 10.07 -5.10 10.78
CA ASP A 851 8.81 -4.78 10.10
C ASP A 851 8.29 -6.00 9.34
N GLU A 852 9.17 -6.73 8.67
CA GLU A 852 8.75 -7.96 7.99
C GLU A 852 8.22 -8.98 8.99
N ASP A 853 8.86 -9.08 10.16
CA ASP A 853 8.38 -9.98 11.20
C ASP A 853 6.98 -9.58 11.68
N ASP A 854 6.75 -8.28 11.82
CA ASP A 854 5.42 -7.80 12.21
C ASP A 854 4.37 -8.16 11.16
N ASN A 855 4.72 -8.03 9.88
CA ASN A 855 3.80 -8.43 8.83
C ASN A 855 3.49 -9.93 8.91
N ASP A 856 4.51 -10.75 9.15
CA ASP A 856 4.30 -12.19 9.28
C ASP A 856 3.40 -12.51 10.46
N VAL A 857 3.61 -11.82 11.60
CA VAL A 857 2.77 -12.07 12.77
C VAL A 857 1.33 -11.64 12.49
N TYR A 858 1.14 -10.57 11.72
CA TYR A 858 -0.21 -10.16 11.34
C TYR A 858 -0.89 -11.22 10.48
N ILE A 859 -0.16 -11.81 9.54
CA ILE A 859 -0.72 -12.87 8.71
C ILE A 859 -1.07 -14.09 9.56
N LEU A 860 -0.23 -14.40 10.55
CA LEU A 860 -0.55 -15.49 11.47
C LEU A 860 -1.82 -15.17 12.26
N THR A 861 -1.99 -13.91 12.66
CA THR A 861 -3.21 -13.49 13.35
C THR A 861 -4.44 -13.74 12.49
N LYS A 862 -4.35 -13.40 11.20
CA LYS A 862 -5.49 -13.62 10.31
C LYS A 862 -5.75 -15.11 10.09
N VAL A 863 -4.69 -15.92 10.04
CA VAL A 863 -4.86 -17.37 9.95
C VAL A 863 -5.62 -17.89 11.17
N SER A 864 -5.24 -17.43 12.36
CA SER A 864 -5.95 -17.83 13.57
C SER A 864 -7.39 -17.35 13.56
N ASP A 865 -7.65 -16.16 12.98
CA ASP A 865 -9.01 -15.67 12.85
C ASP A 865 -9.86 -16.60 11.99
N ILE A 866 -9.31 -17.02 10.84
CA ILE A 866 -10.03 -17.93 9.96
C ILE A 866 -10.30 -19.25 10.67
N LEU A 867 -9.29 -19.77 11.37
CA LEU A 867 -9.48 -21.03 12.08
C LEU A 867 -10.54 -20.91 13.17
N HIS A 868 -10.56 -19.79 13.89
CA HIS A 868 -11.58 -19.58 14.91
C HIS A 868 -12.97 -19.52 14.31
N SER A 869 -13.12 -18.83 13.17
CA SER A 869 -14.42 -18.78 12.51
C SER A 869 -14.88 -20.18 12.09
N ILE A 870 -13.97 -20.95 11.50
CA ILE A 870 -14.33 -22.31 11.06
C ILE A 870 -14.73 -23.17 12.25
N PHE A 871 -13.96 -23.09 13.34
CA PHE A 871 -14.27 -23.90 14.52
C PHE A 871 -15.62 -23.51 15.10
N SER A 872 -15.84 -22.21 15.32
CA SER A 872 -17.11 -21.76 15.88
C SER A 872 -18.30 -22.13 14.99
N SER A 873 -18.09 -22.21 13.68
CA SER A 873 -19.20 -22.56 12.79
C SER A 873 -19.45 -24.06 12.75
N TYR A 874 -18.40 -24.88 12.83
CA TYR A 874 -18.53 -26.29 12.52
C TYR A 874 -18.51 -27.21 13.74
N LYS A 875 -17.99 -26.76 14.89
CA LYS A 875 -17.93 -27.57 16.10
C LYS A 875 -17.14 -28.85 15.89
N GLU A 876 -17.65 -29.98 16.40
CA GLU A 876 -16.90 -31.22 16.44
C GLU A 876 -16.73 -31.87 15.07
N LYS A 877 -17.40 -31.38 14.04
CA LYS A 877 -17.39 -32.05 12.74
C LYS A 877 -16.15 -31.72 11.92
N VAL A 878 -15.27 -30.84 12.39
CA VAL A 878 -14.16 -30.34 11.59
C VAL A 878 -12.80 -30.86 12.06
N LEU A 879 -12.74 -31.59 13.17
CA LEU A 879 -11.46 -32.07 13.67
C LEU A 879 -10.68 -32.93 12.67
N PRO A 880 -11.29 -33.85 11.92
CA PRO A 880 -10.50 -34.57 10.90
C PRO A 880 -9.86 -33.65 9.88
N TRP A 881 -10.48 -32.51 9.56
CA TRP A 881 -9.83 -31.54 8.70
C TRP A 881 -8.67 -30.85 9.42
N PHE A 882 -8.82 -30.58 10.72
CA PHE A 882 -7.75 -29.96 11.49
C PHE A 882 -6.59 -30.90 11.73
N GLU A 883 -6.76 -32.20 11.47
CA GLU A 883 -5.68 -33.15 11.65
C GLU A 883 -4.47 -32.80 10.80
N GLN A 884 -4.69 -32.33 9.57
CA GLN A 884 -3.57 -32.02 8.69
C GLN A 884 -2.82 -30.76 9.14
N LEU A 885 -3.52 -29.81 9.74
CA LEU A 885 -2.89 -28.59 10.24
C LEU A 885 -2.31 -28.74 11.64
N LEU A 886 -2.67 -29.80 12.36
CA LEU A 886 -2.19 -29.98 13.73
C LEU A 886 -0.67 -29.95 13.89
N PRO A 887 0.13 -30.64 13.06
CA PRO A 887 1.59 -30.60 13.30
C PRO A 887 2.20 -29.21 13.27
N LEU A 888 1.76 -28.34 12.36
CA LEU A 888 2.30 -26.99 12.32
C LEU A 888 1.90 -26.19 13.55
N ILE A 889 0.66 -26.36 14.02
CA ILE A 889 0.21 -25.67 15.22
C ILE A 889 1.02 -26.14 16.42
N VAL A 890 1.32 -27.44 16.48
CA VAL A 890 2.18 -27.95 17.55
C VAL A 890 3.57 -27.36 17.44
N ASN A 891 4.05 -27.18 16.21
CA ASN A 891 5.36 -26.54 16.01
C ASN A 891 5.36 -25.12 16.53
N LEU A 892 4.23 -24.41 16.39
CA LEU A 892 4.18 -23.01 16.83
C LEU A 892 4.39 -22.88 18.34
N ILE A 893 3.99 -23.88 19.11
CA ILE A 893 4.05 -23.81 20.57
C ILE A 893 5.36 -24.38 21.12
N CYS A 894 6.36 -24.58 20.25
CA CYS A 894 7.65 -25.07 20.70
C CYS A 894 8.28 -24.08 21.68
N PRO A 895 8.91 -24.55 22.75
CA PRO A 895 9.43 -23.64 23.77
C PRO A 895 10.46 -22.64 23.26
N HIS A 896 11.22 -22.99 22.23
CA HIS A 896 12.27 -22.12 21.71
C HIS A 896 11.75 -21.12 20.70
N ARG A 897 10.48 -21.16 20.34
CA ARG A 897 9.92 -20.21 19.40
C ARG A 897 9.75 -18.84 20.07
N PRO A 898 9.71 -17.77 19.27
CA PRO A 898 9.42 -16.45 19.84
C PRO A 898 8.00 -16.39 20.40
N TRP A 899 7.79 -15.48 21.34
CA TRP A 899 6.49 -15.36 21.98
C TRP A 899 5.32 -15.09 21.01
N PRO A 900 5.47 -14.30 19.94
CA PRO A 900 4.32 -14.12 19.03
C PRO A 900 3.81 -15.42 18.43
N ASP A 901 4.69 -16.38 18.14
CA ASP A 901 4.23 -17.65 17.60
C ASP A 901 3.54 -18.50 18.66
N ARG A 902 4.14 -18.56 19.86
CA ARG A 902 3.57 -19.37 20.93
C ARG A 902 2.19 -18.86 21.35
N GLN A 903 2.03 -17.53 21.39
CA GLN A 903 0.76 -16.95 21.79
C GLN A 903 -0.35 -17.38 20.84
N TRP A 904 -0.10 -17.31 19.53
CA TRP A 904 -1.15 -17.63 18.57
C TRP A 904 -1.37 -19.14 18.44
N GLY A 905 -0.33 -19.95 18.64
CA GLY A 905 -0.55 -21.39 18.73
C GLY A 905 -1.45 -21.74 19.90
N LEU A 906 -1.20 -21.12 21.06
CA LEU A 906 -2.06 -21.35 22.21
C LEU A 906 -3.46 -20.83 21.97
N CYS A 907 -3.61 -19.72 21.24
CA CYS A 907 -4.94 -19.21 20.92
C CYS A 907 -5.70 -20.20 20.04
N ILE A 908 -5.03 -20.79 19.04
CA ILE A 908 -5.69 -21.78 18.20
C ILE A 908 -6.10 -23.00 19.01
N PHE A 909 -5.22 -23.46 19.91
CA PHE A 909 -5.60 -24.59 20.75
C PHE A 909 -6.75 -24.25 21.69
N ASP A 910 -6.80 -23.01 22.18
CA ASP A 910 -7.94 -22.54 22.98
C ASP A 910 -9.24 -22.56 22.19
N ASP A 911 -9.20 -22.14 20.92
CA ASP A 911 -10.37 -22.26 20.06
C ASP A 911 -10.81 -23.71 19.90
N VAL A 912 -9.84 -24.61 19.71
CA VAL A 912 -10.12 -26.04 19.55
C VAL A 912 -10.81 -26.55 20.81
N ILE A 913 -10.29 -26.18 21.98
CA ILE A 913 -10.91 -26.55 23.24
C ILE A 913 -12.31 -25.98 23.41
N GLU A 914 -12.52 -24.71 23.11
CA GLU A 914 -13.83 -24.07 23.32
C GLU A 914 -14.89 -24.67 22.42
N HIS A 915 -14.59 -24.92 21.15
CA HIS A 915 -15.63 -25.25 20.19
C HIS A 915 -15.65 -26.71 19.77
N CYS A 916 -14.57 -27.45 19.94
CA CYS A 916 -14.51 -28.82 19.46
C CYS A 916 -14.34 -29.82 20.60
N SER A 917 -15.12 -29.65 21.66
CA SER A 917 -15.08 -30.49 22.85
C SER A 917 -16.42 -31.20 23.03
N PRO A 918 -16.45 -32.32 23.77
CA PRO A 918 -15.38 -32.96 24.54
C PRO A 918 -14.50 -33.91 23.73
N ALA A 919 -14.51 -33.81 22.39
CA ALA A 919 -13.64 -34.64 21.58
C ALA A 919 -12.21 -34.13 21.53
N SER A 920 -11.93 -32.98 22.12
CA SER A 920 -10.59 -32.39 22.10
C SER A 920 -9.59 -33.17 22.94
N PHE A 921 -10.04 -34.09 23.80
CA PHE A 921 -9.11 -34.90 24.59
C PHE A 921 -8.15 -35.69 23.70
N LYS A 922 -8.57 -36.02 22.47
CA LYS A 922 -7.69 -36.72 21.55
C LYS A 922 -6.43 -35.92 21.26
N TYR A 923 -6.51 -34.59 21.35
CA TYR A 923 -5.38 -33.72 21.03
C TYR A 923 -4.71 -33.16 22.28
N ALA A 924 -5.23 -33.47 23.47
CA ALA A 924 -4.76 -32.84 24.69
C ALA A 924 -3.29 -33.11 24.98
N GLU A 925 -2.78 -34.28 24.60
CA GLU A 925 -1.37 -34.60 24.83
C GLU A 925 -0.42 -33.60 24.16
N TYR A 926 -0.88 -32.93 23.11
CA TYR A 926 -0.04 -31.97 22.38
C TYR A 926 0.04 -30.60 23.04
N PHE A 927 -1.03 -30.14 23.68
CA PHE A 927 -1.07 -28.77 24.20
C PHE A 927 -1.28 -28.66 25.69
N LEU A 928 -1.81 -29.70 26.36
CA LEU A 928 -2.19 -29.55 27.75
C LEU A 928 -0.99 -29.25 28.64
N ARG A 929 0.10 -30.01 28.47
CA ARG A 929 1.31 -29.72 29.24
C ARG A 929 1.90 -28.35 28.88
N PRO A 930 2.05 -27.98 27.61
CA PRO A 930 2.47 -26.60 27.31
C PRO A 930 1.52 -25.54 27.87
N MET A 931 0.21 -25.79 27.85
CA MET A 931 -0.72 -24.84 28.42
C MET A 931 -0.49 -24.67 29.92
N LEU A 932 -0.28 -25.78 30.63
CA LEU A 932 -0.04 -25.69 32.07
C LEU A 932 1.30 -25.02 32.36
N GLN A 933 2.29 -25.22 31.48
CA GLN A 933 3.62 -24.66 31.72
C GLN A 933 3.65 -23.16 31.44
N TYR A 934 2.95 -22.72 30.39
CA TYR A 934 3.09 -21.34 29.93
C TYR A 934 2.35 -20.32 30.78
N VAL A 935 1.59 -20.76 31.79
CA VAL A 935 0.92 -19.81 32.67
C VAL A 935 1.92 -18.99 33.47
N CYS A 936 3.15 -19.47 33.62
CA CYS A 936 4.19 -18.78 34.37
C CYS A 936 5.22 -18.12 33.45
N ASP A 937 4.87 -17.91 32.18
CA ASP A 937 5.79 -17.34 31.22
C ASP A 937 6.07 -15.87 31.53
N ASN A 938 7.21 -15.39 31.02
CA ASN A 938 7.57 -13.98 31.20
C ASN A 938 6.73 -13.08 30.32
N SER A 939 6.36 -13.53 29.14
CA SER A 939 5.58 -12.70 28.21
C SER A 939 4.13 -12.61 28.69
N PRO A 940 3.60 -11.40 28.88
CA PRO A 940 2.20 -11.28 29.31
C PRO A 940 1.20 -11.88 28.34
N GLU A 941 1.48 -11.82 27.03
CA GLU A 941 0.53 -12.33 26.05
C GLU A 941 0.42 -13.84 26.10
N VAL A 942 1.56 -14.54 26.23
CA VAL A 942 1.52 -16.00 26.36
C VAL A 942 0.84 -16.40 27.66
N ARG A 943 1.07 -15.63 28.73
CA ARG A 943 0.38 -15.87 29.99
C ARG A 943 -1.13 -15.71 29.82
N GLN A 944 -1.56 -14.67 29.11
CA GLN A 944 -2.97 -14.45 28.88
C GLN A 944 -3.58 -15.60 28.08
N ALA A 945 -2.89 -16.05 27.02
CA ALA A 945 -3.41 -17.14 26.22
C ALA A 945 -3.52 -18.43 27.04
N ALA A 946 -2.49 -18.75 27.83
CA ALA A 946 -2.53 -19.95 28.64
C ALA A 946 -3.62 -19.86 29.70
N ALA A 947 -3.80 -18.70 30.31
CA ALA A 947 -4.84 -18.53 31.32
C ALA A 947 -6.22 -18.69 30.69
N TYR A 948 -6.43 -18.13 29.50
CA TYR A 948 -7.72 -18.29 28.84
C TYR A 948 -7.97 -19.74 28.48
N GLY A 949 -6.92 -20.45 28.03
CA GLY A 949 -7.08 -21.87 27.75
C GLY A 949 -7.45 -22.67 28.98
N LEU A 950 -6.78 -22.39 30.10
CA LEU A 950 -7.12 -23.08 31.35
C LEU A 950 -8.54 -22.77 31.80
N GLY A 951 -8.98 -21.52 31.66
CA GLY A 951 -10.33 -21.16 32.03
C GLY A 951 -11.38 -21.82 31.16
N VAL A 952 -11.15 -21.83 29.84
CA VAL A 952 -12.10 -22.46 28.91
C VAL A 952 -12.05 -23.97 28.98
N MET A 953 -11.00 -24.55 29.58
CA MET A 953 -10.96 -25.99 29.77
C MET A 953 -12.10 -26.46 30.67
N ALA A 954 -12.38 -25.74 31.75
CA ALA A 954 -13.40 -26.17 32.68
C ALA A 954 -14.81 -25.91 32.16
N GLN A 955 -15.00 -24.80 31.44
CA GLN A 955 -16.35 -24.41 31.03
C GLN A 955 -16.90 -25.30 29.92
N TYR A 956 -16.08 -25.62 28.93
CA TYR A 956 -16.49 -26.49 27.82
C TYR A 956 -15.52 -27.64 27.67
N GLY A 957 -15.23 -28.33 28.76
CA GLY A 957 -14.35 -29.48 28.70
C GLY A 957 -14.99 -30.76 29.21
N GLY A 958 -16.01 -30.63 30.04
CA GLY A 958 -16.69 -31.78 30.59
C GLY A 958 -15.89 -32.43 31.71
N ASP A 959 -16.18 -33.71 31.94
CA ASP A 959 -15.58 -34.47 33.02
C ASP A 959 -14.17 -34.97 32.69
N ASN A 960 -13.74 -34.87 31.43
CA ASN A 960 -12.44 -35.40 31.05
C ASN A 960 -11.29 -34.58 31.66
N TYR A 961 -11.41 -33.25 31.64
CA TYR A 961 -10.37 -32.39 32.17
C TYR A 961 -10.52 -32.12 33.66
N ARG A 962 -11.24 -32.98 34.38
CA ARG A 962 -11.39 -32.79 35.83
C ARG A 962 -10.08 -32.82 36.60
N PRO A 963 -9.18 -33.79 36.40
CA PRO A 963 -7.97 -33.82 37.25
C PRO A 963 -6.99 -32.68 36.98
N PHE A 964 -7.03 -32.06 35.80
CA PHE A 964 -6.06 -31.01 35.49
C PHE A 964 -6.43 -29.68 36.12
N CYS A 965 -7.69 -29.48 36.54
CA CYS A 965 -8.05 -28.25 37.23
C CYS A 965 -7.36 -28.18 38.59
N THR A 966 -7.20 -29.31 39.26
CA THR A 966 -6.51 -29.34 40.55
C THR A 966 -5.06 -28.90 40.40
N GLU A 967 -4.43 -29.26 39.29
CA GLU A 967 -3.07 -28.79 39.02
C GLU A 967 -3.05 -27.33 38.56
N ALA A 968 -4.07 -26.91 37.82
CA ALA A 968 -4.08 -25.57 37.26
C ALA A 968 -4.33 -24.50 38.32
N LEU A 969 -5.13 -24.81 39.34
CA LEU A 969 -5.49 -23.80 40.33
C LEU A 969 -4.30 -23.22 41.08
N PRO A 970 -3.39 -24.02 41.67
CA PRO A 970 -2.27 -23.39 42.41
C PRO A 970 -1.37 -22.53 41.55
N LEU A 971 -1.13 -22.93 40.29
CA LEU A 971 -0.31 -22.11 39.41
C LEU A 971 -1.00 -20.78 39.12
N LEU A 972 -2.30 -20.81 38.89
CA LEU A 972 -3.04 -19.58 38.62
C LEU A 972 -3.02 -18.66 39.84
N VAL A 973 -3.23 -19.20 41.03
CA VAL A 973 -3.23 -18.35 42.22
C VAL A 973 -1.82 -17.81 42.49
N ARG A 974 -0.78 -18.60 42.21
CA ARG A 974 0.58 -18.11 42.36
C ARG A 974 0.86 -16.96 41.40
N VAL A 975 0.40 -17.09 40.15
CA VAL A 975 0.59 -16.02 39.18
C VAL A 975 -0.17 -14.77 39.62
N ILE A 976 -1.40 -14.94 40.12
CA ILE A 976 -2.22 -13.80 40.50
C ILE A 976 -1.60 -13.06 41.69
N GLN A 977 -1.21 -13.81 42.72
CA GLN A 977 -0.75 -13.21 43.97
C GLN A 977 0.65 -12.61 43.86
N SER A 978 1.37 -12.87 42.77
CA SER A 978 2.71 -12.31 42.63
C SER A 978 2.64 -10.80 42.39
N ALA A 979 3.74 -10.13 42.72
CA ALA A 979 3.81 -8.68 42.56
C ALA A 979 3.88 -8.31 41.08
N ASP A 980 3.75 -7.01 40.81
CA ASP A 980 3.74 -6.48 39.44
C ASP A 980 2.66 -7.13 38.59
N SER A 981 1.50 -7.36 39.20
CA SER A 981 0.38 -8.00 38.51
C SER A 981 -0.65 -7.02 37.97
N LYS A 982 -0.80 -5.85 38.59
CA LYS A 982 -1.77 -4.86 38.16
C LYS A 982 -1.17 -3.74 37.33
N THR A 983 0.14 -3.79 37.06
CA THR A 983 0.76 -2.76 36.23
C THR A 983 0.27 -2.86 34.79
N LYS A 984 0.37 -1.75 34.07
CA LYS A 984 -0.14 -1.68 32.70
C LYS A 984 0.81 -2.45 31.80
N GLU A 985 0.64 -3.78 31.76
CA GLU A 985 1.45 -4.72 30.99
C GLU A 985 1.04 -6.14 31.34
N ASN A 986 1.14 -6.47 32.64
CA ASN A 986 0.71 -7.77 33.15
C ASN A 986 -0.71 -7.75 33.69
N VAL A 987 -1.40 -6.62 33.59
CA VAL A 987 -2.74 -6.51 34.17
C VAL A 987 -3.71 -7.43 33.45
N ASN A 988 -3.66 -7.47 32.12
CA ASN A 988 -4.62 -8.27 31.35
C ASN A 988 -4.44 -9.75 31.63
N ALA A 989 -3.19 -10.21 31.74
CA ALA A 989 -2.95 -11.62 32.07
C ALA A 989 -3.51 -11.96 33.44
N THR A 990 -3.34 -11.05 34.41
CA THR A 990 -3.90 -11.29 35.75
C THR A 990 -5.42 -11.32 35.71
N GLU A 991 -6.04 -10.43 34.92
CA GLU A 991 -7.50 -10.45 34.78
C GLU A 991 -7.97 -11.76 34.17
N ASN A 992 -7.26 -12.26 33.14
CA ASN A 992 -7.61 -13.54 32.55
C ASN A 992 -7.45 -14.68 33.54
N CYS A 993 -6.40 -14.63 34.37
CA CYS A 993 -6.21 -15.65 35.39
C CYS A 993 -7.33 -15.62 36.41
N ILE A 994 -7.77 -14.42 36.81
CA ILE A 994 -8.89 -14.31 37.75
C ILE A 994 -10.14 -14.91 37.13
N SER A 995 -10.41 -14.60 35.86
CA SER A 995 -11.57 -15.15 35.18
C SER A 995 -11.48 -16.67 35.09
N ALA A 996 -10.27 -17.20 34.82
CA ALA A 996 -10.08 -18.64 34.74
C ALA A 996 -10.36 -19.31 36.08
N VAL A 997 -9.85 -18.72 37.17
CA VAL A 997 -10.10 -19.28 38.49
C VAL A 997 -11.58 -19.25 38.81
N GLY A 998 -12.26 -18.16 38.46
CA GLY A 998 -13.69 -18.09 38.68
C GLY A 998 -14.46 -19.15 37.90
N LYS A 999 -14.10 -19.34 36.63
CA LYS A 999 -14.75 -20.37 35.83
C LYS A 999 -14.52 -21.77 36.39
N ILE A 1000 -13.28 -22.04 36.83
CA ILE A 1000 -12.98 -23.35 37.39
C ILE A 1000 -13.74 -23.57 38.69
N MET A 1001 -13.88 -22.51 39.51
CA MET A 1001 -14.66 -22.61 40.73
C MET A 1001 -16.13 -22.89 40.42
N LYS A 1002 -16.69 -22.19 39.45
CA LYS A 1002 -18.12 -22.31 39.16
C LYS A 1002 -18.44 -23.65 38.52
N PHE A 1003 -17.83 -23.94 37.37
CA PHE A 1003 -18.23 -25.08 36.58
C PHE A 1003 -17.61 -26.39 37.07
N LYS A 1004 -16.59 -26.33 37.91
CA LYS A 1004 -15.97 -27.52 38.51
C LYS A 1004 -15.77 -27.28 39.99
N PRO A 1005 -16.85 -27.20 40.77
CA PRO A 1005 -16.70 -26.92 42.21
C PRO A 1005 -16.30 -28.14 43.03
N ASP A 1006 -16.30 -29.33 42.45
CA ASP A 1006 -15.99 -30.54 43.20
C ASP A 1006 -14.52 -30.66 43.55
N CYS A 1007 -13.62 -30.18 42.70
CA CYS A 1007 -12.19 -30.35 42.88
C CYS A 1007 -11.47 -29.02 43.05
N VAL A 1008 -12.11 -28.05 43.72
CA VAL A 1008 -11.54 -26.72 43.88
C VAL A 1008 -11.39 -26.38 45.36
N ASN A 1009 -12.27 -26.93 46.20
CA ASN A 1009 -12.45 -26.50 47.58
C ASN A 1009 -12.79 -25.00 47.63
N VAL A 1010 -13.97 -24.70 47.09
CA VAL A 1010 -14.41 -23.33 46.87
C VAL A 1010 -14.41 -22.53 48.17
N GLU A 1011 -14.71 -23.17 49.29
CA GLU A 1011 -14.81 -22.46 50.56
C GLU A 1011 -13.49 -21.84 50.98
N GLU A 1012 -12.36 -22.28 50.41
CA GLU A 1012 -11.06 -21.71 50.72
C GLU A 1012 -10.54 -20.74 49.67
N VAL A 1013 -10.89 -20.95 48.41
CA VAL A 1013 -10.42 -20.07 47.33
C VAL A 1013 -11.31 -18.83 47.21
N LEU A 1014 -12.61 -18.99 47.38
CA LEU A 1014 -13.54 -17.87 47.19
C LEU A 1014 -13.25 -16.67 48.09
N PRO A 1015 -12.92 -16.83 49.39
CA PRO A 1015 -12.54 -15.64 50.17
C PRO A 1015 -11.32 -14.92 49.59
N HIS A 1016 -10.35 -15.66 49.07
CA HIS A 1016 -9.23 -15.03 48.38
C HIS A 1016 -9.66 -14.46 47.03
N TRP A 1017 -10.58 -15.13 46.35
CA TRP A 1017 -11.03 -14.65 45.04
C TRP A 1017 -11.74 -13.31 45.15
N LEU A 1018 -12.53 -13.11 46.21
CA LEU A 1018 -13.23 -11.85 46.38
C LEU A 1018 -12.28 -10.67 46.51
N SER A 1019 -11.06 -10.92 47.00
CA SER A 1019 -10.06 -9.86 47.10
C SER A 1019 -9.65 -9.36 45.72
N TRP A 1020 -9.47 -10.27 44.76
CA TRP A 1020 -8.97 -9.89 43.45
C TRP A 1020 -10.00 -9.13 42.63
N LEU A 1021 -11.28 -9.25 42.95
CA LEU A 1021 -12.31 -8.55 42.21
C LEU A 1021 -12.21 -7.05 42.46
N PRO A 1022 -12.67 -6.20 41.51
CA PRO A 1022 -13.29 -6.53 40.22
C PRO A 1022 -12.33 -6.42 39.05
N LEU A 1023 -12.81 -6.71 37.84
CA LEU A 1023 -12.03 -6.54 36.62
C LEU A 1023 -12.56 -5.32 35.87
N HIS A 1024 -11.65 -4.57 35.25
CA HIS A 1024 -12.05 -3.31 34.64
C HIS A 1024 -11.51 -3.05 33.24
N GLU A 1025 -10.45 -3.72 32.79
CA GLU A 1025 -9.98 -3.52 31.42
C GLU A 1025 -10.20 -4.73 30.52
N ASP A 1026 -10.63 -5.86 31.08
CA ASP A 1026 -11.09 -7.00 30.29
C ASP A 1026 -12.61 -7.04 30.37
N LYS A 1027 -13.27 -6.90 29.23
CA LYS A 1027 -14.72 -6.68 29.24
C LYS A 1027 -15.50 -7.99 29.27
N GLU A 1028 -15.21 -8.92 28.37
CA GLU A 1028 -15.99 -10.14 28.30
C GLU A 1028 -15.66 -11.12 29.42
N GLU A 1029 -14.51 -10.96 30.09
CA GLU A 1029 -14.27 -11.70 31.32
C GLU A 1029 -14.93 -11.03 32.52
N ALA A 1030 -15.09 -9.71 32.47
CA ALA A 1030 -15.77 -9.00 33.56
C ALA A 1030 -17.23 -9.40 33.65
N VAL A 1031 -17.91 -9.55 32.51
CA VAL A 1031 -19.31 -9.96 32.55
C VAL A 1031 -19.42 -11.38 33.10
N GLN A 1032 -18.47 -12.26 32.76
CA GLN A 1032 -18.49 -13.62 33.28
C GLN A 1032 -18.28 -13.63 34.78
N THR A 1033 -17.29 -12.89 35.27
CA THR A 1033 -17.02 -12.89 36.71
C THR A 1033 -18.16 -12.24 37.49
N PHE A 1034 -18.81 -11.22 36.91
CA PHE A 1034 -19.95 -10.62 37.60
C PHE A 1034 -21.18 -11.51 37.54
N ASN A 1035 -21.33 -12.30 36.48
CA ASN A 1035 -22.38 -13.32 36.45
C ASN A 1035 -22.16 -14.34 37.56
N TYR A 1036 -20.90 -14.77 37.75
CA TYR A 1036 -20.60 -15.66 38.86
C TYR A 1036 -20.90 -15.01 40.20
N LEU A 1037 -20.54 -13.73 40.34
CA LEU A 1037 -20.80 -13.02 41.60
C LEU A 1037 -22.29 -12.94 41.89
N CYS A 1038 -23.10 -12.63 40.88
CA CYS A 1038 -24.55 -12.60 41.05
C CYS A 1038 -25.09 -13.99 41.38
N ASP A 1039 -24.60 -15.02 40.69
CA ASP A 1039 -25.07 -16.37 40.95
C ASP A 1039 -24.79 -16.79 42.38
N LEU A 1040 -23.61 -16.46 42.89
CA LEU A 1040 -23.31 -16.71 44.31
C LEU A 1040 -24.21 -15.88 45.21
N ILE A 1041 -24.45 -14.62 44.85
CA ILE A 1041 -25.29 -13.75 45.67
C ILE A 1041 -26.74 -14.19 45.60
N GLU A 1042 -27.24 -14.50 44.40
CA GLU A 1042 -28.64 -14.87 44.25
C GLU A 1042 -28.97 -16.21 44.89
N SER A 1043 -27.97 -17.00 45.25
CA SER A 1043 -28.23 -18.36 45.72
C SER A 1043 -28.36 -18.45 47.24
N ASN A 1044 -27.29 -18.15 47.97
CA ASN A 1044 -27.28 -18.41 49.40
C ASN A 1044 -26.09 -17.71 50.06
N HIS A 1045 -25.84 -18.07 51.31
CA HIS A 1045 -24.77 -17.45 52.11
C HIS A 1045 -23.36 -17.58 51.55
N PRO A 1046 -22.86 -18.78 51.13
CA PRO A 1046 -21.42 -19.07 51.19
C PRO A 1046 -20.46 -17.93 50.87
N ILE A 1047 -19.54 -17.68 51.80
CA ILE A 1047 -18.43 -16.74 51.65
C ILE A 1047 -18.93 -15.31 51.47
N VAL A 1048 -19.63 -15.05 50.37
CA VAL A 1048 -20.01 -13.69 49.97
C VAL A 1048 -20.76 -12.98 51.09
N LEU A 1049 -21.75 -13.64 51.67
CA LEU A 1049 -22.51 -13.08 52.78
C LEU A 1049 -22.32 -13.97 54.01
N GLY A 1050 -21.48 -13.51 54.95
CA GLY A 1050 -21.17 -14.27 56.12
C GLY A 1050 -22.17 -14.07 57.24
N PRO A 1051 -21.69 -13.70 58.41
CA PRO A 1051 -22.60 -13.44 59.55
C PRO A 1051 -23.57 -12.30 59.22
N ASN A 1052 -24.86 -12.63 59.20
CA ASN A 1052 -25.92 -11.69 58.85
C ASN A 1052 -25.65 -11.05 57.50
N ASN A 1053 -25.31 -9.76 57.49
CA ASN A 1053 -25.01 -9.05 56.25
C ASN A 1053 -23.81 -8.12 56.41
N THR A 1054 -22.92 -8.44 57.36
CA THR A 1054 -21.75 -7.58 57.59
C THR A 1054 -20.77 -7.60 56.42
N ASN A 1055 -20.82 -8.62 55.57
CA ASN A 1055 -19.91 -8.68 54.43
C ASN A 1055 -20.43 -7.90 53.24
N LEU A 1056 -21.73 -7.60 53.21
CA LEU A 1056 -22.33 -6.89 52.08
C LEU A 1056 -21.65 -5.57 51.72
N PRO A 1057 -21.17 -4.75 52.67
CA PRO A 1057 -20.50 -3.50 52.26
C PRO A 1057 -19.31 -3.70 51.33
N LYS A 1058 -18.51 -4.74 51.52
CA LYS A 1058 -17.35 -4.92 50.66
C LYS A 1058 -17.74 -5.32 49.24
N ILE A 1059 -18.78 -6.16 49.09
CA ILE A 1059 -19.27 -6.49 47.77
C ILE A 1059 -19.90 -5.26 47.11
N PHE A 1060 -20.59 -4.43 47.88
CA PHE A 1060 -21.14 -3.19 47.32
C PHE A 1060 -20.02 -2.27 46.86
N SER A 1061 -18.94 -2.17 47.64
CA SER A 1061 -17.80 -1.37 47.24
C SER A 1061 -17.15 -1.93 45.97
N ILE A 1062 -17.06 -3.26 45.87
CA ILE A 1062 -16.50 -3.88 44.67
C ILE A 1062 -17.35 -3.54 43.45
N ILE A 1063 -18.67 -3.62 43.59
CA ILE A 1063 -19.57 -3.30 42.48
C ILE A 1063 -19.42 -1.83 42.08
N ALA A 1064 -19.40 -0.93 43.07
CA ALA A 1064 -19.27 0.49 42.78
C ALA A 1064 -17.94 0.80 42.10
N GLU A 1065 -16.86 0.16 42.56
CA GLU A 1065 -15.56 0.35 41.92
C GLU A 1065 -15.57 -0.17 40.49
N GLY A 1066 -16.21 -1.30 40.25
CA GLY A 1066 -16.29 -1.87 38.92
C GLY A 1066 -17.32 -1.24 38.02
N GLU A 1067 -18.08 -0.27 38.52
CA GLU A 1067 -19.10 0.37 37.70
C GLU A 1067 -18.52 1.06 36.48
N MET A 1068 -17.31 1.62 36.58
CA MET A 1068 -16.87 2.64 35.63
C MET A 1068 -16.61 2.10 34.23
N HIS A 1069 -17.64 2.18 33.37
CA HIS A 1069 -17.54 1.78 31.97
C HIS A 1069 -16.99 0.38 31.81
N GLU A 1070 -17.38 -0.52 32.72
CA GLU A 1070 -16.99 -1.93 32.66
C GLU A 1070 -18.17 -2.84 32.33
N ALA A 1071 -19.24 -2.76 33.11
CA ALA A 1071 -20.49 -3.40 32.76
C ALA A 1071 -21.30 -2.40 31.95
N ILE A 1072 -21.52 -2.71 30.67
CA ILE A 1072 -22.10 -1.74 29.74
C ILE A 1072 -23.52 -1.41 30.20
N LYS A 1073 -23.82 -0.11 30.27
CA LYS A 1073 -25.08 0.40 30.77
C LYS A 1073 -26.22 0.30 29.75
N HIS A 1074 -26.03 -0.49 28.69
CA HIS A 1074 -27.06 -0.70 27.69
C HIS A 1074 -28.03 -1.82 28.08
N GLU A 1075 -28.14 -2.10 29.38
CA GLU A 1075 -29.03 -3.13 29.91
C GLU A 1075 -28.59 -4.52 29.45
N ASP A 1076 -27.30 -4.80 29.60
CA ASP A 1076 -26.80 -6.14 29.36
C ASP A 1076 -27.38 -7.09 30.41
N PRO A 1077 -27.59 -8.37 30.07
CA PRO A 1077 -28.17 -9.30 31.05
C PRO A 1077 -27.45 -9.34 32.39
N CYS A 1078 -26.13 -9.20 32.39
CA CYS A 1078 -25.39 -9.20 33.66
C CYS A 1078 -25.74 -7.97 34.50
N ALA A 1079 -25.68 -6.79 33.88
CA ALA A 1079 -25.84 -5.55 34.63
C ALA A 1079 -27.19 -5.50 35.35
N LYS A 1080 -28.26 -5.90 34.66
CA LYS A 1080 -29.57 -5.96 35.31
C LYS A 1080 -29.52 -6.85 36.54
N ARG A 1081 -28.91 -8.03 36.42
CA ARG A 1081 -28.78 -8.91 37.57
C ARG A 1081 -28.00 -8.24 38.68
N LEU A 1082 -27.02 -7.41 38.33
CA LEU A 1082 -26.35 -6.58 39.33
C LEU A 1082 -27.33 -5.54 39.89
N ALA A 1083 -28.00 -4.80 38.99
CA ALA A 1083 -28.84 -3.69 39.44
C ALA A 1083 -29.96 -4.17 40.34
N ASN A 1084 -30.61 -5.27 39.97
CA ASN A 1084 -31.67 -5.84 40.81
C ASN A 1084 -31.12 -6.15 42.20
N VAL A 1085 -29.89 -6.66 42.28
CA VAL A 1085 -29.28 -6.92 43.58
C VAL A 1085 -29.20 -5.63 44.38
N VAL A 1086 -28.76 -4.55 43.73
CA VAL A 1086 -28.73 -3.24 44.39
C VAL A 1086 -30.12 -2.83 44.81
N ARG A 1087 -31.14 -3.16 44.01
CA ARG A 1087 -32.52 -2.88 44.39
C ARG A 1087 -33.08 -3.96 45.30
N GLN A 1088 -32.44 -5.13 45.40
CA GLN A 1088 -32.88 -6.14 46.36
C GLN A 1088 -32.52 -5.73 47.78
N VAL A 1089 -31.34 -5.15 47.98
CA VAL A 1089 -30.98 -4.63 49.29
C VAL A 1089 -31.68 -3.32 49.57
N GLN A 1090 -32.22 -2.66 48.54
CA GLN A 1090 -32.89 -1.38 48.69
C GLN A 1090 -34.35 -1.58 49.14
N THR A 1091 -34.50 -2.34 50.22
CA THR A 1091 -35.77 -2.55 50.88
C THR A 1091 -35.79 -2.07 52.32
N SER A 1092 -34.72 -2.35 53.08
CA SER A 1092 -34.57 -1.85 54.44
C SER A 1092 -33.53 -0.76 54.45
N GLY A 1093 -33.88 0.39 55.01
CA GLY A 1093 -32.97 1.52 55.03
C GLY A 1093 -31.80 1.35 56.00
N GLY A 1094 -31.96 0.46 56.98
CA GLY A 1094 -30.89 0.26 57.96
C GLY A 1094 -29.63 -0.31 57.33
N LEU A 1095 -29.78 -1.33 56.50
CA LEU A 1095 -28.61 -1.96 55.87
C LEU A 1095 -28.01 -1.06 54.80
N TRP A 1096 -28.86 -0.42 54.00
CA TRP A 1096 -28.38 0.41 52.90
C TRP A 1096 -27.59 1.61 53.40
N THR A 1097 -28.05 2.23 54.50
CA THR A 1097 -27.36 3.40 55.03
C THR A 1097 -25.95 3.04 55.49
N GLU A 1098 -25.81 1.93 56.21
CA GLU A 1098 -24.48 1.55 56.69
C GLU A 1098 -23.61 1.00 55.57
N CYS A 1099 -24.22 0.45 54.52
CA CYS A 1099 -23.43 0.00 53.37
C CYS A 1099 -22.91 1.19 52.56
N ILE A 1100 -23.69 2.27 52.48
CA ILE A 1100 -23.31 3.40 51.65
C ILE A 1100 -22.57 4.50 52.42
N ALA A 1101 -22.57 4.45 53.76
CA ALA A 1101 -21.91 5.49 54.53
C ALA A 1101 -20.39 5.47 54.37
N GLN A 1102 -19.80 4.37 53.93
CA GLN A 1102 -18.36 4.23 53.78
C GLN A 1102 -17.97 4.12 52.32
N LEU A 1103 -18.62 4.91 51.47
CA LEU A 1103 -18.32 4.96 50.04
C LEU A 1103 -17.99 6.38 49.63
N SER A 1104 -17.10 6.50 48.65
CA SER A 1104 -16.72 7.79 48.12
C SER A 1104 -17.89 8.42 47.37
N PRO A 1105 -17.92 9.76 47.26
CA PRO A 1105 -19.01 10.40 46.50
C PRO A 1105 -19.11 9.91 45.08
N GLU A 1106 -17.96 9.62 44.43
CA GLU A 1106 -18.00 9.00 43.12
C GLU A 1106 -18.68 7.64 43.18
N GLN A 1107 -18.46 6.89 44.25
CA GLN A 1107 -19.12 5.59 44.40
C GLN A 1107 -20.62 5.75 44.57
N GLN A 1108 -21.05 6.76 45.33
CA GLN A 1108 -22.49 7.00 45.48
C GLN A 1108 -23.12 7.39 44.14
N ALA A 1109 -22.44 8.25 43.38
CA ALA A 1109 -22.94 8.62 42.06
C ALA A 1109 -22.99 7.41 41.14
N ALA A 1110 -21.98 6.54 41.22
CA ALA A 1110 -21.95 5.33 40.42
C ALA A 1110 -23.12 4.42 40.76
N ILE A 1111 -23.41 4.25 42.06
CA ILE A 1111 -24.53 3.42 42.48
C ILE A 1111 -25.84 4.01 41.96
N GLN A 1112 -26.00 5.33 42.07
CA GLN A 1112 -27.22 5.96 41.58
C GLN A 1112 -27.38 5.78 40.08
N GLU A 1113 -26.30 5.97 39.31
CA GLU A 1113 -26.39 5.79 37.86
C GLU A 1113 -26.68 4.34 37.50
N LEU A 1114 -26.08 3.39 38.21
CA LEU A 1114 -26.34 1.98 37.94
C LEU A 1114 -27.80 1.63 38.24
N LEU A 1115 -28.34 2.16 39.34
CA LEU A 1115 -29.75 1.93 39.65
C LEU A 1115 -30.66 2.56 38.59
N ASN A 1116 -30.29 3.75 38.10
CA ASN A 1116 -31.12 4.42 37.12
C ASN A 1116 -31.01 3.78 35.74
N SER A 1117 -29.86 3.19 35.42
CA SER A 1117 -29.64 2.63 34.09
C SER A 1117 -30.32 1.29 33.88
N ALA A 1118 -30.68 0.59 34.95
CA ALA A 1118 -31.30 -0.74 34.82
C ALA A 1118 -32.13 -1.08 36.05
N GLY B 15 -10.90 -17.68 20.38
CA GLY B 15 -9.75 -17.72 21.26
C GLY B 15 -9.74 -16.59 22.27
N GLY B 16 -10.89 -15.94 22.41
CA GLY B 16 -11.00 -14.82 23.32
C GLY B 16 -11.83 -13.68 22.77
N SER B 17 -12.32 -13.83 21.53
CA SER B 17 -13.18 -12.85 20.87
C SER B 17 -12.48 -11.50 20.71
N THR B 18 -12.16 -10.84 21.82
CA THR B 18 -11.48 -9.54 21.74
C THR B 18 -10.11 -9.68 21.09
N THR B 19 -9.46 -10.83 21.25
CA THR B 19 -8.14 -11.04 20.68
C THR B 19 -8.20 -11.20 19.17
N HIS B 20 -9.40 -11.38 18.63
CA HIS B 20 -9.60 -11.62 17.21
C HIS B 20 -10.20 -10.39 16.53
N PHE B 21 -10.05 -10.33 15.21
CA PHE B 21 -10.62 -9.31 14.33
C PHE B 21 -10.08 -7.90 14.60
N GLN B 22 -8.98 -7.77 15.32
CA GLN B 22 -8.41 -6.44 15.59
C GLN B 22 -7.58 -6.00 14.40
N ARG B 23 -7.86 -4.80 13.89
CA ARG B 23 -7.17 -4.22 12.75
C ARG B 23 -6.18 -3.13 13.16
N LYS B 24 -5.40 -3.38 14.21
CA LYS B 24 -4.43 -2.44 14.76
C LYS B 24 -3.63 -1.69 13.70
N ARG B 25 -3.13 -2.40 12.69
CA ARG B 25 -2.21 -1.83 11.71
C ARG B 25 -2.99 -1.36 10.48
N ARG B 26 -3.95 -0.47 10.70
CA ARG B 26 -4.74 0.11 9.62
C ARG B 26 -5.02 1.57 9.95
N VAL B 27 -5.32 2.36 8.91
CA VAL B 27 -5.60 3.78 9.06
C VAL B 27 -6.55 4.24 7.95
N ARG B 28 -7.11 5.45 8.09
CA ARG B 28 -8.02 6.00 7.09
C ARG B 28 -8.06 7.53 7.14
N ASP B 29 -8.57 8.17 6.09
CA ASP B 29 -8.62 9.63 6.01
C ASP B 29 -9.66 10.11 5.00
N ASN B 30 -9.94 11.42 5.00
CA ASN B 30 -10.93 12.03 4.12
C ASN B 30 -10.31 13.22 3.38
N MET B 31 -11.16 13.98 2.69
CA MET B 31 -10.81 15.27 2.08
C MET B 31 -9.67 15.09 1.08
N THR B 32 -9.93 14.39 -0.02
CA THR B 32 -8.94 14.11 -1.05
C THR B 32 -8.56 15.41 -1.75
N LYS B 33 -7.24 15.56 -2.00
CA LYS B 33 -6.56 16.59 -2.80
C LYS B 33 -5.26 17.00 -2.13
N LYS B 34 -5.32 17.94 -1.19
CA LYS B 34 -4.15 18.35 -0.41
C LYS B 34 -3.02 18.87 -1.28
N MET B 35 -3.23 20.03 -1.90
CA MET B 35 -2.25 20.74 -2.73
C MET B 35 -0.81 20.60 -2.23
N ILE B 36 -0.55 20.95 -0.97
CA ILE B 36 0.77 20.82 -0.38
C ILE B 36 0.91 19.38 0.08
N THR B 37 1.72 18.61 -0.65
CA THR B 37 1.86 17.18 -0.37
C THR B 37 3.14 16.68 -1.01
N GLN B 38 3.56 15.50 -0.56
CA GLN B 38 4.72 14.80 -1.12
C GLN B 38 4.30 13.72 -2.10
N ARG B 39 3.17 13.92 -2.76
CA ARG B 39 2.64 12.94 -3.71
C ARG B 39 3.41 12.87 -5.02
N THR B 40 4.45 13.70 -5.18
CA THR B 40 5.19 13.75 -6.43
C THR B 40 5.65 12.36 -6.87
N ILE B 41 6.13 11.56 -5.91
CA ILE B 41 6.52 10.16 -6.04
C ILE B 41 6.60 9.67 -7.49
N GLY B 42 7.57 10.19 -8.23
CA GLY B 42 7.81 9.74 -9.59
C GLY B 42 8.30 8.30 -9.62
N LYS B 43 9.24 8.00 -8.74
CA LYS B 43 9.76 6.65 -8.52
C LYS B 43 9.52 6.27 -7.05
N LYS B 44 10.12 5.15 -6.63
CA LYS B 44 9.84 4.50 -5.36
C LYS B 44 8.49 3.80 -5.48
N LYS B 45 8.10 3.02 -4.46
CA LYS B 45 6.98 2.08 -4.51
C LYS B 45 6.92 1.38 -5.86
N GLN B 46 8.03 0.72 -6.23
CA GLN B 46 8.11 0.02 -7.51
C GLN B 46 8.23 -1.47 -7.22
N ARG B 47 7.10 -2.18 -7.32
CA ARG B 47 7.10 -3.62 -7.06
C ARG B 47 6.51 -4.45 -8.20
N LEU B 48 5.69 -3.89 -9.07
CA LEU B 48 5.07 -4.62 -10.18
C LEU B 48 4.30 -5.84 -9.66
N ASN B 49 3.24 -5.52 -8.91
CA ASN B 49 2.35 -6.57 -8.40
C ASN B 49 1.72 -7.38 -9.52
N LYS B 50 1.65 -6.84 -10.73
CA LYS B 50 1.14 -7.57 -11.88
C LYS B 50 2.23 -8.44 -12.49
N ARG B 51 2.89 -9.25 -11.65
CA ARG B 51 4.01 -10.09 -12.09
C ARG B 51 3.49 -11.42 -12.64
N SER B 52 2.77 -11.33 -13.76
CA SER B 52 2.19 -12.49 -14.40
C SER B 52 2.60 -12.57 -15.86
N TYR B 53 1.97 -13.48 -16.60
CA TYR B 53 2.26 -13.70 -18.03
C TYR B 53 3.72 -14.07 -18.24
#